data_9DFL
#
_entry.id   9DFL
#
_cell.length_a   142.246
_cell.length_b   122.605
_cell.length_c   66.821
_cell.angle_alpha   90.00
_cell.angle_beta   94.51
_cell.angle_gamma   90.00
#
_symmetry.space_group_name_H-M   'C 1 2 1'
#
loop_
_entity.id
_entity.type
_entity.pdbx_description
1 polymer PrnB
2 non-polymer 'PROTOPORPHYRIN IX CONTAINING FE'
3 non-polymer 'INDOLYLPROPIONIC ACID'
4 non-polymer GLYCEROL
5 non-polymer 2-AMINO-2-HYDROXYMETHYL-PROPANE-1,3-DIOL
6 water water
#
_entity_poly.entity_id   1
_entity_poly.type   'polypeptide(L)'
_entity_poly.pdbx_seq_one_letter_code
;MGSSHHHHHHSSGENLYFQGMISNEISKLDPLNLDAFFNQLPSLNQNLEVSLLIDKLREITKSYLPTTFSINDALAATRD
LGMIMSSVRKLGIQPVSAVSDLEVFLETLSEITNMVPRETSYHYGPWNPIGERERRFTHFPDERGLIEGVRIAIPGIELA
IREINQLSNLSLNDPAFESLAKSAALHVYQAVDGIGETIKKTDPYVFSHELRPFFDPIRIGGKSYIGAGGGQIPLFVVDV
KLWLGNHSPNSEYVSFIKDSVFYLPPELRPICVDSLLEPSVINQKFAEFGSVEITDQVIKGMESLLSVIQVLLKFRKPHF
QLAQRTLSKENRGNYTTGSAGYTNSFNHMVLEFTIEVEKQIRAVLAPYRS
;
_entity_poly.pdbx_strand_id   A,B
#
loop_
_chem_comp.id
_chem_comp.type
_chem_comp.name
_chem_comp.formula
GOL non-polymer GLYCEROL 'C3 H8 O3'
HEM non-polymer 'PROTOPORPHYRIN IX CONTAINING FE' 'C34 H32 Fe N4 O4'
IOP non-polymer 'INDOLYLPROPIONIC ACID' 'C11 H11 N O2'
TRS non-polymer 2-AMINO-2-HYDROXYMETHYL-PROPANE-1,3-DIOL 'C4 H12 N O3 1'
#
# COMPACT_ATOMS: atom_id res chain seq x y z
N ILE A 22 -10.30 10.06 34.49
CA ILE A 22 -9.58 9.31 35.52
C ILE A 22 -9.40 7.87 35.03
N SER A 23 -8.14 7.44 35.05
CA SER A 23 -7.69 6.32 34.21
C SER A 23 -8.03 4.96 34.82
N ASN A 24 -7.96 4.83 36.14
CA ASN A 24 -8.21 3.53 36.76
C ASN A 24 -9.65 3.08 36.62
N GLU A 25 -10.59 4.03 36.51
CA GLU A 25 -11.99 3.64 36.33
C GLU A 25 -12.34 3.32 34.88
N ILE A 26 -11.49 3.68 33.92
CA ILE A 26 -11.69 3.23 32.55
C ILE A 26 -11.00 1.90 32.30
N SER A 27 -9.77 1.75 32.79
CA SER A 27 -9.01 0.53 32.55
C SER A 27 -9.75 -0.71 33.03
N LYS A 28 -10.53 -0.60 34.10
CA LYS A 28 -11.20 -1.78 34.67
C LYS A 28 -12.51 -2.14 33.96
N LEU A 29 -12.89 -1.41 32.93
CA LEU A 29 -14.17 -1.65 32.28
C LEU A 29 -14.00 -2.57 31.08
N ASP A 30 -15.02 -3.39 30.84
CA ASP A 30 -15.14 -4.18 29.63
C ASP A 30 -16.57 -4.04 29.14
N PRO A 31 -16.90 -2.88 28.59
CA PRO A 31 -18.31 -2.60 28.28
C PRO A 31 -18.85 -3.41 27.12
N LEU A 32 -17.99 -3.89 26.23
CA LEU A 32 -18.43 -4.72 25.12
C LEU A 32 -18.09 -6.18 25.32
N ASN A 33 -17.69 -6.59 26.54
CA ASN A 33 -17.47 -7.99 26.87
C ASN A 33 -16.43 -8.62 25.91
N LEU A 34 -15.31 -7.92 25.75
CA LEU A 34 -14.27 -8.27 24.79
C LEU A 34 -13.02 -8.86 25.43
N ASP A 35 -13.07 -9.18 26.73
CA ASP A 35 -11.88 -9.61 27.44
C ASP A 35 -11.34 -10.92 26.89
N ALA A 36 -12.23 -11.92 26.71
CA ALA A 36 -11.82 -13.19 26.11
C ALA A 36 -11.30 -13.01 24.69
N PHE A 37 -12.00 -12.18 23.91
CA PHE A 37 -11.54 -11.86 22.56
C PHE A 37 -10.12 -11.29 22.56
N PHE A 38 -9.81 -10.38 23.49
CA PHE A 38 -8.49 -9.76 23.45
C PHE A 38 -7.38 -10.73 23.88
N ASN A 39 -7.72 -11.85 24.52
CA ASN A 39 -6.72 -12.89 24.70
C ASN A 39 -6.48 -13.65 23.42
N GLN A 40 -7.48 -13.73 22.54
CA GLN A 40 -7.27 -14.35 21.25
C GLN A 40 -6.72 -13.39 20.20
N LEU A 41 -6.79 -12.09 20.43
CA LEU A 41 -6.47 -11.15 19.36
C LEU A 41 -5.06 -11.33 18.78
N PRO A 42 -4.00 -11.41 19.58
CA PRO A 42 -2.65 -11.52 18.97
C PRO A 42 -2.50 -12.73 18.05
N SER A 43 -3.17 -13.85 18.35
CA SER A 43 -3.15 -15.00 17.45
C SER A 43 -4.04 -14.78 16.22
N LEU A 44 -5.25 -14.27 16.45
CA LEU A 44 -6.09 -13.83 15.34
C LEU A 44 -5.30 -12.94 14.40
N ASN A 45 -4.59 -11.96 14.94
CA ASN A 45 -3.82 -11.08 14.07
C ASN A 45 -2.68 -11.84 13.41
N GLN A 46 -2.05 -12.77 14.14
CA GLN A 46 -0.89 -13.48 13.60
CA GLN A 46 -0.90 -13.49 13.62
C GLN A 46 -1.28 -14.42 12.46
N ASN A 47 -2.45 -15.05 12.54
CA ASN A 47 -2.91 -15.91 11.48
C ASN A 47 -3.77 -15.20 10.46
N LEU A 48 -3.73 -13.86 10.44
CA LEU A 48 -4.48 -13.03 9.47
C LEU A 48 -5.96 -13.42 9.36
N GLU A 49 -6.62 -13.70 10.48
CA GLU A 49 -8.01 -14.19 10.40
C GLU A 49 -8.96 -13.01 10.35
N VAL A 50 -9.01 -12.39 9.18
CA VAL A 50 -9.80 -11.19 8.98
C VAL A 50 -11.29 -11.43 9.21
N SER A 51 -11.77 -12.67 9.08
CA SER A 51 -13.22 -12.95 9.20
C SER A 51 -13.70 -12.83 10.64
N LEU A 52 -12.90 -13.29 11.59
CA LEU A 52 -13.30 -13.16 12.98
C LEU A 52 -13.29 -11.70 13.42
N LEU A 53 -12.32 -10.92 12.91
CA LEU A 53 -12.33 -9.47 13.12
C LEU A 53 -13.65 -8.85 12.65
N ILE A 54 -14.00 -9.05 11.37
CA ILE A 54 -15.21 -8.45 10.81
C ILE A 54 -16.45 -8.99 11.52
N ASP A 55 -16.49 -10.29 11.79
CA ASP A 55 -17.63 -10.85 12.49
C ASP A 55 -17.83 -10.21 13.86
N LYS A 56 -16.73 -9.85 14.53
CA LYS A 56 -16.82 -9.22 15.85
C LYS A 56 -17.33 -7.78 15.76
N LEU A 57 -16.94 -7.05 14.72
CA LEU A 57 -17.44 -5.70 14.50
C LEU A 57 -18.94 -5.70 14.25
N ARG A 58 -19.42 -6.60 13.41
CA ARG A 58 -20.85 -6.71 13.14
C ARG A 58 -21.62 -7.08 14.42
N GLU A 59 -21.13 -8.10 15.12
CA GLU A 59 -21.71 -8.52 16.39
C GLU A 59 -21.87 -7.35 17.37
N ILE A 60 -20.86 -6.47 17.44
CA ILE A 60 -20.90 -5.35 18.39
C ILE A 60 -22.00 -4.38 18.04
N THR A 61 -22.06 -3.96 16.76
CA THR A 61 -23.07 -2.98 16.37
C THR A 61 -24.49 -3.49 16.47
N LYS A 62 -24.67 -4.80 16.74
CA LYS A 62 -25.99 -5.39 16.95
C LYS A 62 -26.26 -5.83 18.38
N SER A 63 -25.22 -5.98 19.20
CA SER A 63 -25.39 -6.48 20.55
C SER A 63 -25.43 -5.38 21.60
N TYR A 64 -25.23 -4.13 21.22
CA TYR A 64 -25.01 -3.05 22.18
C TYR A 64 -25.63 -1.78 21.62
N LEU A 65 -26.38 -1.08 22.46
CA LEU A 65 -26.87 0.23 22.09
C LEU A 65 -25.95 1.24 22.74
N PRO A 66 -24.99 1.79 22.02
CA PRO A 66 -24.01 2.69 22.66
C PRO A 66 -24.66 3.92 23.25
N THR A 67 -25.84 4.32 22.76
CA THR A 67 -26.50 5.49 23.32
C THR A 67 -26.73 5.34 24.83
N THR A 68 -26.91 4.12 25.30
CA THR A 68 -27.15 3.91 26.73
C THR A 68 -25.87 3.90 27.55
N PHE A 69 -24.71 4.24 26.98
CA PHE A 69 -23.45 4.15 27.71
C PHE A 69 -23.19 5.42 28.52
N SER A 70 -22.51 5.25 29.64
CA SER A 70 -21.89 6.33 30.39
C SER A 70 -20.61 6.82 29.69
N ILE A 71 -20.07 7.94 30.17
CA ILE A 71 -18.84 8.49 29.60
C ILE A 71 -17.70 7.47 29.72
N ASN A 72 -17.50 6.93 30.93
CA ASN A 72 -16.40 5.98 31.10
C ASN A 72 -16.61 4.74 30.26
N ASP A 73 -17.87 4.33 30.08
CA ASP A 73 -18.14 3.17 29.24
C ASP A 73 -17.76 3.44 27.80
N ALA A 74 -18.12 4.61 27.27
CA ALA A 74 -17.83 4.90 25.88
C ALA A 74 -16.33 5.09 25.65
N LEU A 75 -15.60 5.53 26.66
CA LEU A 75 -14.15 5.70 26.49
C LEU A 75 -13.46 4.35 26.40
N ALA A 76 -13.91 3.40 27.22
CA ALA A 76 -13.35 2.06 27.18
C ALA A 76 -13.82 1.33 25.92
N ALA A 77 -15.06 1.58 25.48
CA ALA A 77 -15.52 1.04 24.21
C ALA A 77 -14.69 1.58 23.05
N THR A 78 -14.41 2.90 23.03
CA THR A 78 -13.56 3.46 21.99
C THR A 78 -12.17 2.84 21.99
N ARG A 79 -11.66 2.47 23.16
CA ARG A 79 -10.37 1.79 23.22
C ARG A 79 -10.45 0.42 22.55
N ASP A 80 -11.46 -0.37 22.92
CA ASP A 80 -11.55 -1.74 22.47
C ASP A 80 -11.96 -1.83 21.00
N LEU A 81 -13.07 -1.20 20.63
CA LEU A 81 -13.47 -1.11 19.23
C LEU A 81 -12.37 -0.53 18.37
N GLY A 82 -11.66 0.49 18.88
CA GLY A 82 -10.60 1.11 18.09
C GLY A 82 -9.49 0.12 17.72
N MET A 83 -9.11 -0.74 18.66
CA MET A 83 -8.04 -1.68 18.37
C MET A 83 -8.50 -2.78 17.41
N ILE A 84 -9.72 -3.29 17.56
CA ILE A 84 -10.21 -4.22 16.54
C ILE A 84 -10.23 -3.54 15.17
N MET A 85 -10.73 -2.31 15.11
CA MET A 85 -10.71 -1.53 13.87
C MET A 85 -9.30 -1.37 13.33
N SER A 86 -8.35 -1.06 14.20
CA SER A 86 -6.96 -0.88 13.74
C SER A 86 -6.38 -2.17 13.19
N SER A 87 -6.85 -3.33 13.70
CA SER A 87 -6.43 -4.65 13.26
C SER A 87 -6.96 -4.98 11.86
N VAL A 88 -8.15 -4.50 11.53
CA VAL A 88 -8.68 -4.70 10.20
C VAL A 88 -7.96 -3.79 9.21
N ARG A 89 -7.72 -2.55 9.60
CA ARG A 89 -6.99 -1.62 8.74
C ARG A 89 -5.54 -2.08 8.51
N LYS A 90 -4.97 -2.84 9.44
CA LYS A 90 -3.61 -3.34 9.26
C LYS A 90 -3.52 -4.20 7.99
N LEU A 91 -4.48 -5.11 7.82
CA LEU A 91 -4.56 -5.90 6.59
C LEU A 91 -4.84 -5.07 5.35
N GLY A 92 -5.18 -3.80 5.48
CA GLY A 92 -5.41 -2.97 4.32
C GLY A 92 -6.87 -2.70 4.01
N ILE A 93 -7.81 -3.24 4.78
CA ILE A 93 -9.23 -2.99 4.58
C ILE A 93 -9.68 -1.81 5.43
N GLN A 94 -10.34 -0.85 4.81
CA GLN A 94 -11.02 0.20 5.57
C GLN A 94 -12.16 -0.37 6.39
N PRO A 95 -12.08 -0.41 7.73
CA PRO A 95 -13.07 -1.19 8.51
C PRO A 95 -14.49 -0.63 8.46
N VAL A 96 -14.68 0.69 8.43
CA VAL A 96 -16.04 1.23 8.34
C VAL A 96 -16.63 1.02 6.97
N SER A 97 -15.79 1.08 5.91
CA SER A 97 -16.27 0.75 4.57
C SER A 97 -16.79 -0.68 4.48
N ALA A 98 -16.29 -1.60 5.31
CA ALA A 98 -16.74 -2.98 5.24
C ALA A 98 -17.88 -3.27 6.21
N VAL A 99 -17.83 -2.72 7.41
CA VAL A 99 -18.96 -2.86 8.33
C VAL A 99 -19.65 -1.51 8.39
N SER A 100 -20.52 -1.24 7.42
CA SER A 100 -21.09 0.09 7.26
C SER A 100 -21.81 0.58 8.53
N ASP A 101 -22.42 -0.34 9.30
CA ASP A 101 -23.12 0.03 10.52
C ASP A 101 -22.19 0.54 11.63
N LEU A 102 -20.87 0.46 11.45
CA LEU A 102 -19.97 1.03 12.44
C LEU A 102 -20.10 2.54 12.54
N GLU A 103 -20.53 3.19 11.46
CA GLU A 103 -20.40 4.63 11.38
C GLU A 103 -21.34 5.35 12.35
N VAL A 104 -22.56 4.83 12.54
CA VAL A 104 -23.45 5.47 13.51
C VAL A 104 -23.07 5.05 14.91
N PHE A 105 -22.58 3.81 15.07
CA PHE A 105 -22.07 3.34 16.36
C PHE A 105 -20.94 4.24 16.84
N LEU A 106 -20.01 4.58 15.95
CA LEU A 106 -18.90 5.45 16.34
C LEU A 106 -19.39 6.88 16.53
N GLU A 107 -20.32 7.33 15.68
CA GLU A 107 -21.00 8.61 15.87
C GLU A 107 -21.51 8.74 17.29
N THR A 108 -22.28 7.75 17.75
CA THR A 108 -22.88 7.80 19.07
C THR A 108 -21.82 7.76 20.17
N LEU A 109 -20.75 6.98 20.00
CA LEU A 109 -19.65 6.99 20.95
C LEU A 109 -18.98 8.36 21.03
N SER A 110 -18.76 8.97 19.86
CA SER A 110 -18.10 10.27 19.79
C SER A 110 -18.91 11.38 20.46
N GLU A 111 -20.24 11.24 20.47
CA GLU A 111 -21.09 12.25 21.11
C GLU A 111 -20.96 12.19 22.62
N ILE A 112 -20.87 10.98 23.18
CA ILE A 112 -20.79 10.80 24.62
C ILE A 112 -19.41 11.19 25.12
N THR A 113 -18.36 10.85 24.37
CA THR A 113 -16.99 11.10 24.77
C THR A 113 -16.50 12.49 24.41
N ASN A 114 -17.16 13.16 23.47
CA ASN A 114 -16.62 14.37 22.84
C ASN A 114 -15.13 14.22 22.46
N MET A 115 -14.75 13.01 22.02
CA MET A 115 -13.44 12.73 21.41
C MET A 115 -13.63 12.04 20.05
N VAL A 116 -12.53 11.89 19.32
CA VAL A 116 -12.52 11.29 17.99
C VAL A 116 -13.01 9.85 18.09
N PRO A 117 -13.66 9.31 17.03
CA PRO A 117 -14.17 7.93 17.04
C PRO A 117 -13.10 6.87 16.77
N ARG A 118 -12.02 6.93 17.54
CA ARG A 118 -10.77 6.25 17.26
C ARG A 118 -9.95 6.21 18.55
N GLU A 119 -9.11 5.20 18.70
CA GLU A 119 -8.31 5.12 19.91
C GLU A 119 -7.06 5.98 19.77
N THR A 120 -6.61 6.53 20.90
CA THR A 120 -5.39 7.30 20.95
C THR A 120 -4.45 6.62 21.92
N SER A 121 -3.30 7.24 22.14
CA SER A 121 -2.37 6.72 23.14
C SER A 121 -2.94 6.79 24.55
N TYR A 122 -3.99 7.59 24.78
CA TYR A 122 -4.67 7.56 26.09
C TYR A 122 -5.33 6.22 26.33
N HIS A 123 -6.06 5.70 25.31
CA HIS A 123 -6.71 4.40 25.41
C HIS A 123 -5.68 3.27 25.37
N TYR A 124 -4.57 3.51 24.68
CA TYR A 124 -3.55 2.49 24.45
C TYR A 124 -2.65 2.32 25.67
N GLY A 125 -2.52 3.37 26.49
CA GLY A 125 -1.62 3.35 27.62
C GLY A 125 -2.36 3.41 28.93
N PRO A 126 -2.60 4.63 29.45
CA PRO A 126 -3.21 4.78 30.79
C PRO A 126 -4.59 4.16 30.94
N TRP A 127 -5.43 4.18 29.91
CA TRP A 127 -6.73 3.53 29.99
C TRP A 127 -6.67 2.05 29.64
N ASN A 128 -5.52 1.55 29.21
CA ASN A 128 -5.32 0.14 28.95
C ASN A 128 -5.00 -0.56 30.27
N PRO A 129 -5.77 -1.58 30.67
CA PRO A 129 -5.49 -2.24 31.96
C PRO A 129 -4.10 -2.87 32.01
N ILE A 130 -3.52 -2.88 33.20
CA ILE A 130 -2.27 -3.57 33.46
C ILE A 130 -2.55 -5.06 33.63
N GLY A 131 -1.60 -5.91 33.24
CA GLY A 131 -1.71 -7.32 33.55
C GLY A 131 -2.41 -8.21 32.54
N GLU A 132 -3.19 -9.17 33.03
CA GLU A 132 -3.80 -10.18 32.16
C GLU A 132 -4.83 -9.59 31.20
N ARG A 133 -5.49 -8.50 31.56
CA ARG A 133 -6.49 -7.92 30.68
C ARG A 133 -5.90 -6.95 29.66
N GLU A 134 -4.58 -6.72 29.69
CA GLU A 134 -3.99 -5.71 28.82
C GLU A 134 -4.32 -5.98 27.36
N ARG A 135 -4.77 -4.94 26.67
CA ARG A 135 -5.10 -5.05 25.25
C ARG A 135 -3.85 -4.85 24.41
N ARG A 136 -3.51 -5.84 23.60
CA ARG A 136 -2.31 -5.79 22.78
C ARG A 136 -2.67 -6.29 21.39
N PHE A 137 -1.99 -5.72 20.38
CA PHE A 137 -2.19 -6.11 19.00
C PHE A 137 -1.52 -7.45 18.68
N THR A 138 -0.36 -7.71 19.29
CA THR A 138 0.51 -8.81 18.90
C THR A 138 1.05 -9.52 20.13
N HIS A 139 1.69 -10.68 19.89
CA HIS A 139 2.36 -11.46 20.92
CA HIS A 139 2.34 -11.42 20.96
C HIS A 139 3.80 -11.03 21.15
N PHE A 140 4.34 -10.13 20.31
CA PHE A 140 5.72 -9.67 20.46
C PHE A 140 5.89 -8.88 21.76
N PRO A 141 6.91 -9.18 22.57
CA PRO A 141 7.15 -8.39 23.79
C PRO A 141 7.55 -6.98 23.49
N ASP A 142 8.02 -6.68 22.28
CA ASP A 142 8.38 -5.32 21.94
C ASP A 142 7.20 -4.37 22.04
N GLU A 143 5.98 -4.89 21.84
CA GLU A 143 4.80 -4.05 21.95
C GLU A 143 4.70 -3.42 23.33
N ARG A 144 5.08 -4.17 24.36
CA ARG A 144 5.04 -3.67 25.71
C ARG A 144 5.84 -2.38 25.86
N GLY A 145 6.87 -2.20 25.03
CA GLY A 145 7.69 -1.01 25.12
C GLY A 145 6.99 0.27 24.73
N LEU A 146 5.96 0.18 23.87
CA LEU A 146 5.17 1.37 23.54
C LEU A 146 4.07 1.61 24.58
N ILE A 147 3.42 0.53 25.03
CA ILE A 147 2.32 0.68 25.98
C ILE A 147 2.83 1.20 27.32
N GLU A 148 3.91 0.61 27.82
CA GLU A 148 4.47 1.13 29.06
C GLU A 148 5.00 2.53 28.86
N GLY A 149 5.46 2.84 27.65
CA GLY A 149 6.05 4.15 27.40
C GLY A 149 5.04 5.27 27.55
N VAL A 150 3.85 5.10 26.99
CA VAL A 150 2.86 6.17 27.09
C VAL A 150 2.07 6.06 28.39
N ARG A 151 1.93 4.84 28.93
CA ARG A 151 1.25 4.67 30.20
C ARG A 151 2.00 5.36 31.34
N ILE A 152 3.34 5.42 31.27
CA ILE A 152 4.11 6.19 32.24
C ILE A 152 4.13 7.67 31.89
N ALA A 153 4.38 8.00 30.64
CA ALA A 153 4.59 9.40 30.25
C ALA A 153 3.36 10.26 30.57
N ILE A 154 2.16 9.77 30.30
CA ILE A 154 1.00 10.65 30.23
C ILE A 154 0.61 11.20 31.60
N PRO A 155 0.43 10.39 32.64
CA PRO A 155 0.12 10.99 33.96
C PRO A 155 1.09 12.06 34.43
N GLY A 156 2.38 11.90 34.20
CA GLY A 156 3.35 12.87 34.67
C GLY A 156 3.35 14.18 33.89
N ILE A 157 3.15 14.10 32.57
CA ILE A 157 3.01 15.31 31.77
C ILE A 157 1.77 16.09 32.21
N GLU A 158 0.69 15.38 32.50
CA GLU A 158 -0.55 16.03 32.88
C GLU A 158 -0.38 16.80 34.18
N LEU A 159 0.28 16.20 35.16
CA LEU A 159 0.61 16.90 36.38
C LEU A 159 1.52 18.09 36.09
N ALA A 160 2.53 17.89 35.25
CA ALA A 160 3.38 19.03 34.91
C ALA A 160 2.58 20.13 34.24
N ILE A 161 1.58 19.76 33.44
CA ILE A 161 0.77 20.74 32.71
C ILE A 161 0.06 21.65 33.71
N ARG A 162 -0.56 21.06 34.72
CA ARG A 162 -1.29 21.86 35.70
C ARG A 162 -0.35 22.77 36.47
N GLU A 163 0.81 22.25 36.89
CA GLU A 163 1.77 23.04 37.64
C GLU A 163 2.40 24.14 36.79
N ILE A 164 2.68 23.86 35.51
CA ILE A 164 3.30 24.88 34.67
C ILE A 164 2.32 26.01 34.40
N ASN A 165 1.03 25.71 34.34
CA ASN A 165 0.05 26.77 34.13
C ASN A 165 0.05 27.78 35.28
N GLN A 166 0.39 27.35 36.50
CA GLN A 166 0.40 28.23 37.67
C GLN A 166 1.58 29.19 37.71
N LEU A 167 2.64 28.92 36.94
CA LEU A 167 3.81 29.80 36.96
C LEU A 167 3.48 31.19 36.41
N SER A 168 2.49 31.29 35.53
CA SER A 168 2.16 32.57 34.93
C SER A 168 1.76 33.59 35.99
N ASN A 169 1.05 33.15 37.01
CA ASN A 169 0.52 34.04 38.05
C ASN A 169 1.32 33.93 39.35
N LEU A 170 2.64 33.96 39.21
CA LEU A 170 3.56 33.91 40.34
C LEU A 170 4.85 34.61 39.94
N SER A 171 5.48 35.31 40.88
CA SER A 171 6.70 36.03 40.60
C SER A 171 7.93 35.15 40.74
N LEU A 172 8.92 35.38 39.87
CA LEU A 172 10.21 34.70 39.96
C LEU A 172 10.79 34.80 41.37
N ASN A 173 10.59 35.95 42.03
CA ASN A 173 11.11 36.18 43.37
C ASN A 173 10.36 35.37 44.43
N ASP A 174 9.19 34.84 44.11
CA ASP A 174 8.46 34.01 45.06
C ASP A 174 9.03 32.59 45.03
N PRO A 175 9.45 32.05 46.18
CA PRO A 175 9.88 30.62 46.20
C PRO A 175 8.84 29.67 45.63
N ALA A 176 7.55 30.02 45.75
CA ALA A 176 6.50 29.17 45.19
C ALA A 176 6.71 28.91 43.71
N PHE A 177 7.21 29.90 42.97
CA PHE A 177 7.53 29.71 41.56
C PHE A 177 8.53 28.58 41.38
N GLU A 178 9.68 28.68 42.05
CA GLU A 178 10.73 27.68 41.88
C GLU A 178 10.26 26.30 42.32
N SER A 179 9.49 26.22 43.40
CA SER A 179 8.99 24.91 43.81
C SER A 179 7.99 24.32 42.83
N LEU A 180 7.19 25.14 42.14
CA LEU A 180 6.27 24.59 41.15
C LEU A 180 7.04 24.06 39.95
N ALA A 181 8.02 24.85 39.47
CA ALA A 181 8.82 24.46 38.32
C ALA A 181 9.63 23.19 38.62
N LYS A 182 10.10 23.05 39.87
CA LYS A 182 10.82 21.84 40.24
C LYS A 182 9.89 20.63 40.23
N SER A 183 8.71 20.77 40.84
CA SER A 183 7.71 19.72 40.80
C SER A 183 7.37 19.35 39.35
N ALA A 184 7.32 20.34 38.46
CA ALA A 184 6.99 20.06 37.06
C ALA A 184 8.14 19.34 36.36
N ALA A 185 9.38 19.79 36.59
CA ALA A 185 10.52 19.07 36.00
C ALA A 185 10.56 17.64 36.52
N LEU A 186 10.26 17.46 37.80
CA LEU A 186 10.16 16.11 38.36
C LEU A 186 9.11 15.28 37.62
N HIS A 187 7.92 15.84 37.40
CA HIS A 187 6.83 15.08 36.77
C HIS A 187 7.10 14.79 35.31
N VAL A 188 7.82 15.68 34.61
CA VAL A 188 8.18 15.44 33.22
C VAL A 188 9.12 14.25 33.11
N TYR A 189 9.94 14.00 34.14
CA TYR A 189 10.88 12.88 34.12
C TYR A 189 10.18 11.56 33.86
N GLN A 190 8.90 11.46 34.23
CA GLN A 190 8.09 10.30 33.86
C GLN A 190 8.14 10.02 32.36
N ALA A 191 8.09 11.06 31.53
CA ALA A 191 8.25 10.85 30.10
C ALA A 191 9.64 10.33 29.76
N VAL A 192 10.68 10.74 30.50
CA VAL A 192 12.00 10.15 30.33
C VAL A 192 11.95 8.67 30.70
N ASP A 193 11.34 8.36 31.84
CA ASP A 193 11.23 6.97 32.23
C ASP A 193 10.47 6.16 31.19
N GLY A 194 9.42 6.75 30.60
CA GLY A 194 8.66 6.04 29.59
C GLY A 194 9.46 5.76 28.33
N ILE A 195 10.21 6.76 27.85
CA ILE A 195 10.97 6.56 26.62
C ILE A 195 12.16 5.66 26.88
N GLY A 196 12.72 5.70 28.09
CA GLY A 196 13.75 4.73 28.42
C GLY A 196 13.23 3.31 28.46
N GLU A 197 11.97 3.13 28.91
CA GLU A 197 11.34 1.82 28.88
C GLU A 197 11.16 1.32 27.45
N THR A 198 10.88 2.23 26.52
CA THR A 198 10.71 1.81 25.13
C THR A 198 12.04 1.40 24.52
N ILE A 199 13.08 2.19 24.80
CA ILE A 199 14.40 1.92 24.22
C ILE A 199 14.92 0.56 24.65
N LYS A 200 14.64 0.15 25.88
CA LYS A 200 15.10 -1.16 26.30
C LYS A 200 14.20 -2.31 25.83
N LYS A 201 12.93 -2.05 25.50
CA LYS A 201 12.00 -3.14 25.24
C LYS A 201 11.64 -3.31 23.76
N THR A 202 11.77 -2.27 22.96
CA THR A 202 11.22 -2.29 21.60
C THR A 202 12.36 -2.25 20.59
N ASP A 203 12.46 -3.31 19.82
CA ASP A 203 13.46 -3.41 18.77
C ASP A 203 13.01 -2.57 17.59
N PRO A 204 13.86 -1.68 17.08
CA PRO A 204 13.43 -0.83 15.96
C PRO A 204 12.95 -1.64 14.74
N TYR A 205 13.58 -2.78 14.47
CA TYR A 205 13.17 -3.60 13.34
C TYR A 205 11.82 -4.28 13.61
N VAL A 206 11.65 -4.86 14.80
CA VAL A 206 10.39 -5.52 15.12
C VAL A 206 9.25 -4.52 15.11
N PHE A 207 9.50 -3.31 15.63
CA PHE A 207 8.48 -2.26 15.58
C PHE A 207 8.02 -2.00 14.14
N SER A 208 8.96 -1.71 13.24
CA SER A 208 8.60 -1.32 11.88
C SER A 208 7.90 -2.44 11.15
N HIS A 209 8.27 -3.68 11.42
CA HIS A 209 7.74 -4.77 10.62
C HIS A 209 6.50 -5.39 11.23
N GLU A 210 6.34 -5.27 12.55
CA GLU A 210 5.31 -5.97 13.30
C GLU A 210 4.31 -5.07 14.02
N LEU A 211 4.71 -3.87 14.45
CA LEU A 211 3.84 -3.03 15.28
C LEU A 211 3.31 -1.81 14.55
N ARG A 212 4.19 -1.07 13.88
CA ARG A 212 3.80 0.13 13.13
C ARG A 212 2.57 -0.04 12.22
N PRO A 213 2.39 -1.14 11.48
CA PRO A 213 1.20 -1.23 10.61
C PRO A 213 -0.13 -1.29 11.37
N PHE A 214 -0.12 -1.36 12.70
CA PHE A 214 -1.37 -1.27 13.45
C PHE A 214 -1.78 0.15 13.78
N PHE A 215 -1.03 1.15 13.34
CA PHE A 215 -1.33 2.53 13.71
C PHE A 215 -1.53 3.39 12.46
N ASP A 216 -2.37 2.93 11.55
CA ASP A 216 -2.58 3.56 10.25
C ASP A 216 -3.93 4.29 10.20
N PRO A 217 -4.10 5.21 9.26
CA PRO A 217 -5.31 6.04 9.24
C PRO A 217 -6.60 5.25 8.97
N ILE A 218 -7.70 5.71 9.54
CA ILE A 218 -8.99 5.04 9.36
C ILE A 218 -10.06 6.08 8.98
N ARG A 219 -10.78 5.79 7.88
CA ARG A 219 -11.81 6.67 7.31
C ARG A 219 -13.13 6.45 8.05
N ILE A 220 -13.64 7.49 8.71
CA ILE A 220 -14.87 7.41 9.49
C ILE A 220 -15.70 8.66 9.19
N GLY A 221 -16.82 8.48 8.50
CA GLY A 221 -17.70 9.59 8.17
C GLY A 221 -17.03 10.67 7.35
N GLY A 222 -16.40 10.30 6.24
CA GLY A 222 -15.78 11.26 5.35
C GLY A 222 -14.49 11.87 5.85
N LYS A 223 -14.02 11.48 7.03
CA LYS A 223 -12.74 11.98 7.53
C LYS A 223 -11.83 10.81 7.84
N SER A 224 -10.54 11.13 7.90
CA SER A 224 -9.48 10.16 8.14
C SER A 224 -8.89 10.44 9.52
N TYR A 225 -8.78 9.42 10.37
CA TYR A 225 -8.28 9.57 11.73
C TYR A 225 -7.00 8.77 11.91
N ILE A 226 -5.88 9.48 12.06
CA ILE A 226 -4.60 8.82 12.30
C ILE A 226 -4.68 7.87 13.51
N GLY A 227 -3.81 6.86 13.52
CA GLY A 227 -3.77 5.90 14.60
C GLY A 227 -3.04 6.44 15.81
N ALA A 228 -2.98 5.60 16.85
CA ALA A 228 -2.32 5.98 18.09
C ALA A 228 -0.85 6.33 17.85
N GLY A 229 -0.35 7.29 18.64
CA GLY A 229 0.97 7.83 18.42
C GLY A 229 1.62 8.34 19.68
N GLY A 230 2.95 8.17 19.78
CA GLY A 230 3.68 8.75 20.90
C GLY A 230 3.45 10.24 21.04
N GLY A 231 3.42 10.96 19.90
CA GLY A 231 3.12 12.37 19.85
C GLY A 231 1.75 12.76 20.41
N GLN A 232 0.88 11.79 20.73
CA GLN A 232 -0.39 12.15 21.35
C GLN A 232 -0.30 12.30 22.87
N ILE A 233 0.82 11.93 23.50
CA ILE A 233 0.96 12.33 24.90
C ILE A 233 0.96 13.85 24.96
N PRO A 234 0.38 14.48 25.96
CA PRO A 234 0.20 15.95 25.94
C PRO A 234 1.48 16.76 26.14
N LEU A 235 2.64 16.18 25.82
CA LEU A 235 3.87 16.93 25.95
C LEU A 235 3.82 18.23 25.17
N PHE A 236 3.17 18.22 23.99
CA PHE A 236 3.13 19.45 23.22
C PHE A 236 2.39 20.55 23.97
N VAL A 237 1.44 20.18 24.85
CA VAL A 237 0.77 21.17 25.69
C VAL A 237 1.76 21.85 26.63
N VAL A 238 2.69 21.07 27.21
CA VAL A 238 3.79 21.65 27.97
C VAL A 238 4.54 22.67 27.11
N ASP A 239 4.95 22.26 25.91
CA ASP A 239 5.70 23.13 25.01
C ASP A 239 4.99 24.46 24.82
N VAL A 240 3.71 24.40 24.46
CA VAL A 240 2.97 25.60 24.06
C VAL A 240 2.94 26.60 25.21
N LYS A 241 2.69 26.11 26.41
CA LYS A 241 2.60 26.99 27.58
C LYS A 241 3.98 27.47 28.02
N LEU A 242 4.96 26.56 28.03
CA LEU A 242 6.27 26.87 28.58
C LEU A 242 7.11 27.73 27.64
N TRP A 243 7.19 27.39 26.34
CA TRP A 243 8.12 28.15 25.50
C TRP A 243 7.60 28.53 24.11
N LEU A 244 6.69 27.78 23.50
CA LEU A 244 6.28 28.13 22.14
C LEU A 244 5.26 29.28 22.14
N GLY A 245 4.18 29.15 22.90
CA GLY A 245 3.21 30.24 22.99
C GLY A 245 2.63 30.63 21.64
N ASN A 246 2.66 31.94 21.34
CA ASN A 246 2.17 32.51 20.08
C ASN A 246 3.29 33.16 19.28
N HIS A 247 4.51 32.62 19.37
CA HIS A 247 5.69 33.28 18.83
C HIS A 247 6.15 32.73 17.50
N SER A 248 5.70 31.54 17.11
CA SER A 248 6.09 30.91 15.85
C SER A 248 4.85 30.58 15.05
N PRO A 249 4.13 31.61 14.57
CA PRO A 249 2.77 31.40 14.04
C PRO A 249 2.68 30.46 12.85
N ASN A 250 3.68 30.40 11.98
CA ASN A 250 3.58 29.51 10.83
C ASN A 250 4.51 28.31 10.92
N SER A 251 4.95 27.95 12.13
CA SER A 251 5.78 26.77 12.34
C SER A 251 5.09 25.53 11.79
N GLU A 252 5.90 24.50 11.51
CA GLU A 252 5.31 23.18 11.27
C GLU A 252 4.93 22.52 12.59
N TYR A 253 5.61 22.90 13.67
CA TYR A 253 5.19 22.45 15.00
C TYR A 253 3.79 22.95 15.34
N VAL A 254 3.45 24.20 14.97
CA VAL A 254 2.13 24.74 15.29
C VAL A 254 1.04 24.07 14.47
N SER A 255 1.38 23.59 13.27
CA SER A 255 0.40 22.87 12.46
C SER A 255 0.10 21.49 13.06
N PHE A 256 1.14 20.78 13.51
CA PHE A 256 0.96 19.52 14.23
C PHE A 256 0.11 19.70 15.49
N ILE A 257 0.40 20.75 16.27
CA ILE A 257 -0.40 21.02 17.44
C ILE A 257 -1.83 21.32 17.04
N LYS A 258 -1.99 22.20 16.06
CA LYS A 258 -3.31 22.50 15.51
C LYS A 258 -4.06 21.23 15.13
N ASP A 259 -3.38 20.27 14.50
CA ASP A 259 -4.05 19.03 14.15
C ASP A 259 -4.28 18.12 15.35
N SER A 260 -3.58 18.37 16.47
CA SER A 260 -3.66 17.51 17.65
C SER A 260 -4.71 17.95 18.66
N VAL A 261 -5.03 19.24 18.70
CA VAL A 261 -5.90 19.83 19.73
C VAL A 261 -7.13 18.97 19.98
N PHE A 262 -7.83 18.57 18.91
CA PHE A 262 -9.09 17.90 19.15
C PHE A 262 -8.96 16.38 19.30
N TYR A 263 -7.74 15.85 19.26
CA TYR A 263 -7.51 14.48 19.68
C TYR A 263 -7.32 14.36 21.18
N LEU A 264 -6.78 15.40 21.82
CA LEU A 264 -6.64 15.43 23.27
C LEU A 264 -8.00 15.21 23.94
N PRO A 265 -8.01 14.63 25.14
CA PRO A 265 -9.23 14.69 25.99
C PRO A 265 -9.72 16.12 26.12
N PRO A 266 -11.04 16.32 26.21
CA PRO A 266 -11.58 17.69 26.26
C PRO A 266 -11.03 18.52 27.41
N GLU A 267 -10.76 17.87 28.55
CA GLU A 267 -10.20 18.54 29.72
C GLU A 267 -8.96 19.39 29.37
N LEU A 268 -8.17 19.00 28.37
CA LEU A 268 -6.91 19.67 28.04
C LEU A 268 -7.00 20.71 26.93
N ARG A 269 -8.10 20.76 26.18
CA ARG A 269 -8.22 21.62 25.01
C ARG A 269 -8.19 23.13 25.32
N PRO A 270 -8.87 23.63 26.35
CA PRO A 270 -8.79 25.08 26.61
C PRO A 270 -7.41 25.56 27.04
N ILE A 271 -6.67 24.79 27.84
CA ILE A 271 -5.29 25.17 28.18
C ILE A 271 -4.48 25.36 26.92
N CYS A 272 -4.58 24.38 26.02
CA CYS A 272 -3.81 24.36 24.79
C CYS A 272 -4.21 25.51 23.86
N VAL A 273 -5.51 25.75 23.73
CA VAL A 273 -5.94 26.87 22.89
C VAL A 273 -5.50 28.19 23.50
N ASP A 274 -5.68 28.36 24.81
CA ASP A 274 -5.23 29.59 25.46
C ASP A 274 -3.73 29.80 25.23
N SER A 275 -2.95 28.75 25.42
CA SER A 275 -1.50 28.94 25.39
C SER A 275 -1.02 29.30 23.99
N LEU A 276 -1.64 28.72 22.95
CA LEU A 276 -1.33 29.06 21.57
C LEU A 276 -1.63 30.53 21.25
N LEU A 277 -2.51 31.16 22.01
CA LEU A 277 -2.94 32.52 21.74
C LEU A 277 -2.30 33.52 22.69
N GLU A 278 -1.41 33.08 23.56
CA GLU A 278 -0.82 33.89 24.61
C GLU A 278 0.70 33.75 24.58
N PRO A 279 1.43 34.79 25.00
CA PRO A 279 2.88 34.64 25.15
C PRO A 279 3.20 33.58 26.19
N SER A 280 4.29 32.85 25.95
CA SER A 280 4.72 31.75 26.80
C SER A 280 5.23 32.24 28.16
N VAL A 281 5.24 31.31 29.12
CA VAL A 281 5.77 31.60 30.45
C VAL A 281 7.19 32.13 30.36
N ILE A 282 8.06 31.41 29.65
CA ILE A 282 9.47 31.82 29.58
C ILE A 282 9.60 33.19 28.95
N ASN A 283 8.86 33.46 27.88
CA ASN A 283 8.94 34.78 27.23
C ASN A 283 8.55 35.91 28.18
N GLN A 284 7.49 35.71 28.98
CA GLN A 284 7.16 36.72 30.00
C GLN A 284 8.23 36.78 31.07
N LYS A 285 8.61 35.63 31.63
CA LYS A 285 9.63 35.61 32.68
C LYS A 285 10.97 36.13 32.17
N PHE A 286 11.23 36.00 30.87
CA PHE A 286 12.38 36.68 30.29
C PHE A 286 12.25 38.18 30.44
N ALA A 287 11.02 38.70 30.38
CA ALA A 287 10.81 40.14 30.47
C ALA A 287 10.88 40.60 31.92
N GLU A 288 10.19 39.90 32.81
CA GLU A 288 10.16 40.30 34.20
C GLU A 288 11.57 40.29 34.78
N PHE A 289 12.39 39.31 34.36
CA PHE A 289 13.77 39.22 34.82
C PHE A 289 14.57 40.46 34.47
N GLY A 290 14.49 40.91 33.23
CA GLY A 290 15.17 42.13 32.83
C GLY A 290 14.42 43.41 33.16
N SER A 291 13.75 43.46 34.32
CA SER A 291 12.96 44.63 34.67
C SER A 291 12.64 44.68 36.16
N VAL A 292 13.20 43.77 36.94
CA VAL A 292 12.97 43.75 38.38
C VAL A 292 14.30 43.49 39.08
N GLU A 293 14.30 43.78 40.38
CA GLU A 293 15.49 43.62 41.20
C GLU A 293 15.90 42.16 41.23
N ILE A 294 16.92 41.81 40.45
CA ILE A 294 17.38 40.43 40.35
C ILE A 294 17.95 40.00 41.70
N THR A 295 17.13 39.32 42.50
CA THR A 295 17.53 38.82 43.82
C THR A 295 18.15 37.43 43.69
N ASP A 296 18.29 36.73 44.83
CA ASP A 296 18.81 35.37 44.77
C ASP A 296 17.69 34.39 44.46
N GLN A 297 16.47 34.69 44.90
CA GLN A 297 15.34 33.84 44.61
C GLN A 297 14.93 33.93 43.14
N VAL A 298 15.17 35.10 42.53
CA VAL A 298 14.79 35.30 41.13
C VAL A 298 15.63 34.42 40.22
N ILE A 299 16.91 34.22 40.58
CA ILE A 299 17.79 33.38 39.78
C ILE A 299 17.47 31.90 39.99
N LYS A 300 17.18 31.51 41.24
CA LYS A 300 16.65 30.16 41.47
C LYS A 300 15.38 29.92 40.64
N GLY A 301 14.49 30.93 40.60
CA GLY A 301 13.28 30.78 39.83
C GLY A 301 13.55 30.59 38.36
N MET A 302 14.44 31.40 37.79
CA MET A 302 14.78 31.26 36.39
C MET A 302 15.60 30.00 36.15
N GLU A 303 16.35 29.55 37.16
CA GLU A 303 17.03 28.27 37.04
C GLU A 303 16.08 27.10 37.09
N SER A 304 14.91 27.26 37.73
CA SER A 304 13.94 26.17 37.70
C SER A 304 13.21 26.08 36.37
N LEU A 305 13.21 27.15 35.58
CA LEU A 305 12.67 27.06 34.23
C LEU A 305 13.61 26.29 33.31
N LEU A 306 14.91 26.53 33.45
CA LEU A 306 15.89 25.84 32.64
C LEU A 306 16.00 24.37 33.06
N SER A 307 15.69 24.06 34.32
CA SER A 307 15.62 22.68 34.75
C SER A 307 14.50 21.93 34.02
N VAL A 308 13.33 22.55 33.92
CA VAL A 308 12.23 21.91 33.19
C VAL A 308 12.63 21.66 31.76
N ILE A 309 13.25 22.64 31.11
CA ILE A 309 13.60 22.47 29.72
C ILE A 309 14.67 21.39 29.56
N GLN A 310 15.61 21.29 30.50
CA GLN A 310 16.62 20.25 30.38
C GLN A 310 16.02 18.87 30.56
N VAL A 311 14.96 18.73 31.36
CA VAL A 311 14.25 17.45 31.44
C VAL A 311 13.59 17.12 30.11
N LEU A 312 13.08 18.13 29.39
CA LEU A 312 12.55 17.86 28.05
C LEU A 312 13.66 17.34 27.12
N LEU A 313 14.88 17.90 27.24
CA LEU A 313 15.96 17.47 26.36
C LEU A 313 16.37 16.03 26.63
N LYS A 314 16.44 15.64 27.91
CA LYS A 314 16.72 14.26 28.26
C LYS A 314 15.70 13.30 27.69
N PHE A 315 14.55 13.79 27.26
CA PHE A 315 13.58 12.95 26.56
C PHE A 315 13.81 13.00 25.05
N ARG A 316 13.97 14.20 24.48
CA ARG A 316 13.96 14.29 23.03
C ARG A 316 15.23 13.73 22.41
N LYS A 317 16.37 13.83 23.13
CA LYS A 317 17.63 13.31 22.60
C LYS A 317 17.62 11.80 22.44
N PRO A 318 17.30 10.99 23.46
CA PRO A 318 17.20 9.55 23.19
C PRO A 318 16.04 9.21 22.29
N HIS A 319 14.92 9.91 22.39
CA HIS A 319 13.80 9.67 21.47
C HIS A 319 14.24 9.80 20.01
N PHE A 320 15.05 10.82 19.72
CA PHE A 320 15.49 11.09 18.35
C PHE A 320 16.31 9.92 17.81
N GLN A 321 17.29 9.45 18.59
CA GLN A 321 18.12 8.31 18.18
C GLN A 321 17.26 7.09 17.88
N LEU A 322 16.24 6.85 18.69
CA LEU A 322 15.39 5.68 18.54
C LEU A 322 14.60 5.71 17.22
N ALA A 323 13.86 6.78 16.99
CA ALA A 323 13.19 6.95 15.71
C ALA A 323 14.17 6.95 14.54
N GLN A 324 15.41 7.39 14.78
CA GLN A 324 16.39 7.38 13.71
C GLN A 324 16.79 5.96 13.35
N ARG A 325 17.04 5.11 14.35
CA ARG A 325 17.34 3.70 14.07
C ARG A 325 16.15 3.00 13.42
N THR A 326 14.92 3.33 13.86
CA THR A 326 13.73 2.67 13.34
C THR A 326 13.49 3.01 11.87
N LEU A 327 13.82 4.22 11.46
CA LEU A 327 13.56 4.73 10.11
C LEU A 327 14.80 4.70 9.21
N SER A 328 15.86 4.03 9.63
CA SER A 328 16.99 3.84 8.74
C SER A 328 16.60 2.87 7.61
N LYS A 329 17.35 2.95 6.51
CA LYS A 329 17.10 2.06 5.36
C LYS A 329 17.05 0.59 5.78
N GLU A 330 17.87 0.23 6.78
CA GLU A 330 17.92 -1.14 7.24
C GLU A 330 16.66 -1.55 8.00
N ASN A 331 16.13 -0.67 8.86
CA ASN A 331 15.08 -1.07 9.79
C ASN A 331 13.70 -0.52 9.47
N ARG A 332 13.55 0.39 8.51
CA ARG A 332 12.29 1.11 8.32
C ARG A 332 11.15 0.27 7.77
N GLY A 333 11.43 -0.91 7.21
CA GLY A 333 10.37 -1.71 6.60
C GLY A 333 9.67 -0.95 5.49
N ASN A 334 8.35 -0.96 5.53
CA ASN A 334 7.53 -0.35 4.49
C ASN A 334 7.09 1.07 4.81
N TYR A 335 7.69 1.71 5.79
CA TYR A 335 7.27 3.05 6.18
C TYR A 335 8.46 4.00 6.16
N THR A 336 8.16 5.28 5.97
CA THR A 336 9.10 6.37 6.16
C THR A 336 8.57 7.43 7.14
N THR A 337 7.46 7.15 7.82
CA THR A 337 6.78 8.12 8.67
C THR A 337 6.27 7.43 9.94
N GLY A 338 6.04 8.25 10.97
CA GLY A 338 5.28 7.81 12.13
C GLY A 338 3.80 7.85 11.84
N SER A 339 3.01 7.38 12.80
CA SER A 339 1.56 7.30 12.58
C SER A 339 0.90 8.65 12.34
N ALA A 340 1.59 9.76 12.62
CA ALA A 340 1.03 11.08 12.35
C ALA A 340 1.54 11.65 11.03
N GLY A 341 2.33 10.88 10.29
CA GLY A 341 2.69 11.23 8.93
C GLY A 341 3.95 12.06 8.76
N TYR A 342 4.81 12.07 9.75
CA TYR A 342 6.02 12.87 9.73
C TYR A 342 7.25 11.96 9.76
N THR A 343 8.36 12.47 9.25
CA THR A 343 9.65 11.81 9.33
C THR A 343 10.41 12.28 10.56
N ASN A 344 11.62 11.76 10.74
CA ASN A 344 12.44 12.20 11.86
C ASN A 344 12.83 13.66 11.77
N SER A 345 12.65 14.29 10.60
CA SER A 345 12.86 15.74 10.47
C SER A 345 12.00 16.50 11.47
N PHE A 346 10.79 16.00 11.75
CA PHE A 346 9.91 16.66 12.70
C PHE A 346 10.50 16.67 14.10
N ASN A 347 10.98 15.51 14.56
CA ASN A 347 11.61 15.45 15.88
C ASN A 347 12.85 16.31 15.93
N HIS A 348 13.65 16.30 14.87
CA HIS A 348 14.82 17.16 14.84
C HIS A 348 14.42 18.63 15.00
N MET A 349 13.26 19.01 14.43
CA MET A 349 12.83 20.40 14.54
C MET A 349 12.34 20.73 15.95
N VAL A 350 11.55 19.83 16.56
CA VAL A 350 11.11 20.06 17.94
C VAL A 350 12.32 20.10 18.87
N LEU A 351 13.29 19.22 18.65
CA LEU A 351 14.48 19.17 19.51
C LEU A 351 15.32 20.43 19.37
N GLU A 352 15.49 20.96 18.15
CA GLU A 352 16.27 22.19 17.98
C GLU A 352 15.56 23.38 18.64
N PHE A 353 14.24 23.51 18.44
CA PHE A 353 13.45 24.48 19.20
C PHE A 353 13.78 24.43 20.68
N THR A 354 13.72 23.24 21.26
CA THR A 354 13.96 23.08 22.68
C THR A 354 15.41 23.40 23.05
N ILE A 355 16.38 22.92 22.25
CA ILE A 355 17.79 23.26 22.47
C ILE A 355 17.97 24.77 22.46
N GLU A 356 17.44 25.44 21.44
CA GLU A 356 17.58 26.90 21.35
C GLU A 356 17.00 27.61 22.57
N VAL A 357 15.91 27.08 23.13
CA VAL A 357 15.35 27.67 24.34
C VAL A 357 16.35 27.56 25.48
N GLU A 358 17.05 26.42 25.58
CA GLU A 358 18.07 26.26 26.61
C GLU A 358 19.23 27.23 26.43
N LYS A 359 19.52 27.61 25.19
CA LYS A 359 20.59 28.55 24.92
C LYS A 359 20.17 29.97 25.30
N GLN A 360 18.90 30.32 25.09
CA GLN A 360 18.41 31.65 25.46
C GLN A 360 18.37 31.84 26.97
N ILE A 361 18.01 30.80 27.71
CA ILE A 361 17.98 30.89 29.17
C ILE A 361 19.41 30.91 29.72
N ARG A 362 20.30 30.12 29.12
CA ARG A 362 21.69 30.12 29.53
C ARG A 362 22.32 31.50 29.33
N ALA A 363 21.82 32.26 28.35
CA ALA A 363 22.35 33.59 28.07
C ALA A 363 21.86 34.60 29.09
N VAL A 364 20.54 34.64 29.33
CA VAL A 364 19.95 35.50 30.36
C VAL A 364 20.65 35.30 31.71
N LEU A 365 21.10 34.08 31.99
CA LEU A 365 21.67 33.73 33.28
C LEU A 365 23.18 33.93 33.36
N ALA A 366 23.86 34.19 32.24
CA ALA A 366 25.32 34.16 32.22
C ALA A 366 25.98 35.03 33.29
N PRO A 367 25.48 36.24 33.63
CA PRO A 367 25.98 36.93 34.82
C PRO A 367 25.16 36.64 36.07
N GLN B 19 -1.95 -25.23 -29.34
CA GLN B 19 -2.45 -23.86 -29.24
C GLN B 19 -3.40 -23.49 -30.41
N GLY B 20 -4.18 -22.44 -30.21
CA GLY B 20 -5.19 -22.08 -31.18
C GLY B 20 -6.55 -21.91 -30.53
N MET B 21 -7.58 -22.53 -31.12
CA MET B 21 -8.94 -22.52 -30.56
C MET B 21 -9.16 -23.63 -29.52
N ILE B 22 -8.06 -24.22 -29.02
CA ILE B 22 -8.08 -24.91 -27.73
C ILE B 22 -8.56 -23.97 -26.64
N SER B 23 -8.59 -22.66 -26.95
CA SER B 23 -9.27 -21.68 -26.11
C SER B 23 -10.73 -22.05 -25.89
N ASN B 24 -11.37 -22.65 -26.90
CA ASN B 24 -12.77 -23.04 -26.79
C ASN B 24 -12.95 -24.15 -25.76
N GLU B 25 -12.05 -25.15 -25.77
CA GLU B 25 -12.15 -26.25 -24.80
C GLU B 25 -11.96 -25.76 -23.37
N ILE B 26 -11.20 -24.70 -23.17
CA ILE B 26 -10.93 -24.23 -21.83
C ILE B 26 -12.02 -23.28 -21.34
N SER B 27 -12.50 -22.37 -22.20
CA SER B 27 -13.48 -21.37 -21.78
C SER B 27 -14.81 -22.00 -21.37
N LYS B 28 -15.09 -23.23 -21.78
CA LYS B 28 -16.38 -23.85 -21.50
C LYS B 28 -16.39 -24.61 -20.16
N LEU B 29 -15.26 -24.71 -19.50
CA LEU B 29 -15.15 -25.54 -18.32
C LEU B 29 -15.45 -24.73 -17.06
N ASP B 30 -15.96 -25.44 -16.07
CA ASP B 30 -16.16 -24.90 -14.73
C ASP B 30 -15.73 -25.98 -13.75
N PRO B 31 -14.44 -26.31 -13.73
CA PRO B 31 -14.00 -27.51 -12.98
C PRO B 31 -14.17 -27.39 -11.48
N LEU B 32 -14.41 -26.20 -10.95
CA LEU B 32 -14.58 -26.00 -9.52
C LEU B 32 -16.00 -25.54 -9.16
N ASN B 33 -16.95 -25.70 -10.09
CA ASN B 33 -18.35 -25.31 -9.93
C ASN B 33 -18.49 -23.90 -9.37
N LEU B 34 -17.86 -22.97 -10.08
CA LEU B 34 -17.76 -21.59 -9.64
C LEU B 34 -18.63 -20.63 -10.45
N ASP B 35 -19.46 -21.14 -11.36
CA ASP B 35 -20.19 -20.27 -12.27
C ASP B 35 -21.14 -19.34 -11.51
N ALA B 36 -21.97 -19.90 -10.63
CA ALA B 36 -22.88 -19.06 -9.85
C ALA B 36 -22.10 -18.09 -8.97
N PHE B 37 -20.99 -18.56 -8.38
CA PHE B 37 -20.15 -17.67 -7.60
C PHE B 37 -19.60 -16.53 -8.46
N PHE B 38 -19.37 -16.77 -9.75
CA PHE B 38 -18.84 -15.67 -10.56
C PHE B 38 -19.91 -14.67 -10.99
N ASN B 39 -21.18 -15.00 -10.82
CA ASN B 39 -22.19 -13.97 -11.01
C ASN B 39 -22.31 -13.04 -9.81
N GLN B 40 -21.91 -13.49 -8.62
CA GLN B 40 -21.90 -12.61 -7.46
CA GLN B 40 -21.89 -12.64 -7.43
C GLN B 40 -20.56 -11.92 -7.23
N LEU B 41 -19.51 -12.26 -7.97
CA LEU B 41 -18.21 -11.66 -7.68
C LEU B 41 -18.18 -10.13 -7.83
N PRO B 42 -18.70 -9.52 -8.89
CA PRO B 42 -18.63 -8.05 -8.95
C PRO B 42 -19.28 -7.38 -7.75
N SER B 43 -20.32 -8.00 -7.19
CA SER B 43 -21.02 -7.47 -6.04
C SER B 43 -20.27 -7.73 -4.75
N LEU B 44 -19.67 -8.93 -4.61
CA LEU B 44 -18.77 -9.20 -3.50
C LEU B 44 -17.66 -8.18 -3.42
N ASN B 45 -17.06 -7.87 -4.56
CA ASN B 45 -15.92 -6.97 -4.58
C ASN B 45 -16.34 -5.52 -4.31
N GLN B 46 -17.55 -5.15 -4.74
CA GLN B 46 -18.00 -3.79 -4.48
C GLN B 46 -18.35 -3.57 -3.01
N ASN B 47 -18.77 -4.63 -2.31
CA ASN B 47 -19.11 -4.52 -0.91
C ASN B 47 -17.98 -4.95 0.01
N LEU B 48 -16.78 -5.10 -0.51
CA LEU B 48 -15.61 -5.54 0.27
C LEU B 48 -15.86 -6.82 1.05
N GLU B 49 -16.62 -7.75 0.47
CA GLU B 49 -17.02 -8.92 1.25
C GLU B 49 -15.91 -9.97 1.23
N VAL B 50 -14.86 -9.66 1.98
CA VAL B 50 -13.67 -10.49 2.01
C VAL B 50 -13.93 -11.85 2.68
N SER B 51 -14.83 -11.93 3.65
CA SER B 51 -15.12 -13.21 4.30
C SER B 51 -15.64 -14.24 3.32
N LEU B 52 -16.45 -13.81 2.36
CA LEU B 52 -16.97 -14.75 1.39
C LEU B 52 -15.86 -15.21 0.43
N LEU B 53 -15.00 -14.27 0.01
CA LEU B 53 -13.81 -14.61 -0.79
C LEU B 53 -12.92 -15.63 -0.07
N ILE B 54 -12.58 -15.35 1.19
CA ILE B 54 -11.76 -16.27 1.97
C ILE B 54 -12.46 -17.62 2.09
N ASP B 55 -13.75 -17.60 2.40
CA ASP B 55 -14.47 -18.84 2.62
C ASP B 55 -14.48 -19.69 1.36
N LYS B 56 -14.59 -19.05 0.20
CA LYS B 56 -14.57 -19.78 -1.06
C LYS B 56 -13.19 -20.38 -1.35
N LEU B 57 -12.11 -19.71 -0.94
CA LEU B 57 -10.78 -20.29 -1.09
C LEU B 57 -10.60 -21.50 -0.19
N ARG B 58 -11.22 -21.48 1.00
CA ARG B 58 -11.09 -22.61 1.92
C ARG B 58 -11.94 -23.79 1.45
N GLU B 59 -13.19 -23.53 1.02
CA GLU B 59 -13.99 -24.57 0.37
C GLU B 59 -13.21 -25.29 -0.72
N ILE B 60 -12.52 -24.53 -1.57
CA ILE B 60 -11.90 -25.12 -2.76
C ILE B 60 -10.75 -26.03 -2.38
N THR B 61 -9.94 -25.62 -1.38
CA THR B 61 -8.82 -26.48 -1.01
C THR B 61 -9.31 -27.72 -0.29
N LYS B 62 -10.47 -27.63 0.37
CA LYS B 62 -11.06 -28.76 1.07
C LYS B 62 -11.89 -29.67 0.16
N SER B 63 -12.40 -29.17 -0.96
CA SER B 63 -13.33 -29.93 -1.77
C SER B 63 -12.71 -30.56 -3.01
N TYR B 64 -11.56 -30.10 -3.45
CA TYR B 64 -11.00 -30.54 -4.72
C TYR B 64 -9.58 -31.05 -4.53
N LEU B 65 -9.29 -32.18 -5.18
CA LEU B 65 -7.93 -32.72 -5.29
C LEU B 65 -7.54 -32.49 -6.73
N PRO B 66 -6.78 -31.44 -7.04
CA PRO B 66 -6.53 -31.09 -8.45
C PRO B 66 -5.90 -32.21 -9.21
N THR B 67 -5.22 -33.14 -8.51
CA THR B 67 -4.57 -34.25 -9.17
C THR B 67 -5.50 -35.06 -10.04
N THR B 68 -6.82 -34.91 -9.89
CA THR B 68 -7.76 -35.56 -10.78
C THR B 68 -8.08 -34.71 -12.00
N PHE B 69 -7.46 -33.54 -12.16
CA PHE B 69 -7.82 -32.64 -13.25
C PHE B 69 -7.07 -33.04 -14.52
N SER B 70 -7.76 -32.94 -15.65
CA SER B 70 -7.12 -32.89 -16.95
C SER B 70 -6.39 -31.57 -17.10
N ILE B 71 -5.56 -31.47 -18.15
CA ILE B 71 -4.82 -30.23 -18.39
C ILE B 71 -5.79 -29.07 -18.59
N ASN B 72 -6.81 -29.26 -19.42
CA ASN B 72 -7.76 -28.17 -19.64
C ASN B 72 -8.44 -27.76 -18.34
N ASP B 73 -8.86 -28.74 -17.53
CA ASP B 73 -9.41 -28.46 -16.21
C ASP B 73 -8.46 -27.63 -15.35
N ALA B 74 -7.20 -28.07 -15.24
CA ALA B 74 -6.24 -27.28 -14.48
C ALA B 74 -6.02 -25.90 -15.10
N LEU B 75 -6.12 -25.78 -16.43
CA LEU B 75 -5.98 -24.45 -17.03
C LEU B 75 -7.14 -23.55 -16.61
N ALA B 76 -8.36 -24.08 -16.71
CA ALA B 76 -9.55 -23.31 -16.33
C ALA B 76 -9.63 -23.11 -14.82
N ALA B 77 -9.07 -24.02 -14.02
CA ALA B 77 -9.06 -23.83 -12.58
C ALA B 77 -8.10 -22.71 -12.19
N THR B 78 -6.97 -22.59 -12.89
CA THR B 78 -6.06 -21.48 -12.62
C THR B 78 -6.71 -20.14 -12.96
N ARG B 79 -7.49 -20.09 -14.04
CA ARG B 79 -8.25 -18.90 -14.36
C ARG B 79 -9.16 -18.50 -13.19
N ASP B 80 -9.93 -19.45 -12.65
CA ASP B 80 -10.97 -19.13 -11.69
C ASP B 80 -10.40 -18.94 -10.29
N LEU B 81 -9.67 -19.92 -9.78
CA LEU B 81 -8.97 -19.74 -8.51
C LEU B 81 -8.12 -18.47 -8.55
N GLY B 82 -7.45 -18.20 -9.67
CA GLY B 82 -6.56 -17.06 -9.72
C GLY B 82 -7.29 -15.73 -9.56
N MET B 83 -8.47 -15.62 -10.17
CA MET B 83 -9.19 -14.36 -10.04
C MET B 83 -9.78 -14.19 -8.65
N ILE B 84 -10.19 -15.25 -7.98
CA ILE B 84 -10.58 -15.12 -6.57
C ILE B 84 -9.39 -14.65 -5.74
N MET B 85 -8.22 -15.30 -5.93
CA MET B 85 -7.01 -14.83 -5.27
C MET B 85 -6.73 -13.36 -5.54
N SER B 86 -6.86 -12.92 -6.80
CA SER B 86 -6.58 -11.52 -7.13
C SER B 86 -7.55 -10.55 -6.44
N SER B 87 -8.78 -11.00 -6.20
CA SER B 87 -9.75 -10.20 -5.46
C SER B 87 -9.35 -10.03 -4.00
N VAL B 88 -8.81 -11.09 -3.39
CA VAL B 88 -8.35 -11.00 -2.02
C VAL B 88 -7.14 -10.08 -1.94
N ARG B 89 -6.17 -10.28 -2.84
CA ARG B 89 -5.01 -9.41 -2.89
C ARG B 89 -5.40 -7.95 -3.15
N LYS B 90 -6.52 -7.70 -3.82
CA LYS B 90 -6.94 -6.33 -4.06
C LYS B 90 -7.18 -5.58 -2.74
N LEU B 91 -7.72 -6.28 -1.75
CA LEU B 91 -7.98 -5.66 -0.46
C LEU B 91 -6.71 -5.43 0.36
N GLY B 92 -5.58 -5.98 -0.06
CA GLY B 92 -4.32 -5.82 0.62
C GLY B 92 -3.79 -7.10 1.26
N ILE B 93 -4.60 -8.16 1.34
CA ILE B 93 -4.23 -9.39 2.03
C ILE B 93 -3.54 -10.32 1.06
N GLN B 94 -2.37 -10.81 1.44
CA GLN B 94 -1.73 -11.88 0.68
C GLN B 94 -2.55 -13.17 0.78
N PRO B 95 -3.22 -13.61 -0.31
CA PRO B 95 -4.21 -14.70 -0.17
C PRO B 95 -3.61 -16.06 0.19
N VAL B 96 -2.37 -16.37 -0.19
CA VAL B 96 -1.79 -17.64 0.21
C VAL B 96 -1.36 -17.62 1.67
N SER B 97 -1.10 -16.43 2.22
CA SER B 97 -0.82 -16.31 3.65
C SER B 97 -2.08 -16.55 4.48
N ALA B 98 -3.25 -16.12 3.99
CA ALA B 98 -4.48 -16.29 4.77
C ALA B 98 -4.99 -17.72 4.71
N VAL B 99 -5.04 -18.29 3.50
CA VAL B 99 -5.44 -19.68 3.30
C VAL B 99 -4.19 -20.47 2.93
N SER B 100 -3.43 -20.89 3.94
CA SER B 100 -2.12 -21.49 3.67
C SER B 100 -2.22 -22.84 2.94
N ASP B 101 -3.40 -23.45 2.90
CA ASP B 101 -3.58 -24.68 2.14
C ASP B 101 -3.59 -24.45 0.64
N LEU B 102 -3.76 -23.20 0.18
CA LEU B 102 -3.66 -22.93 -1.25
C LEU B 102 -2.27 -23.22 -1.80
N GLU B 103 -1.23 -23.24 -0.97
CA GLU B 103 0.11 -23.38 -1.51
C GLU B 103 0.31 -24.75 -2.17
N VAL B 104 -0.19 -25.82 -1.53
CA VAL B 104 -0.01 -27.18 -2.06
C VAL B 104 -0.93 -27.39 -3.27
N PHE B 105 -2.17 -26.91 -3.15
CA PHE B 105 -3.12 -26.88 -4.25
C PHE B 105 -2.54 -26.21 -5.50
N LEU B 106 -1.97 -25.02 -5.33
CA LEU B 106 -1.44 -24.29 -6.50
C LEU B 106 -0.15 -24.92 -7.00
N GLU B 107 0.63 -25.51 -6.09
CA GLU B 107 1.75 -26.35 -6.49
C GLU B 107 1.27 -27.50 -7.36
N THR B 108 0.25 -28.23 -6.91
CA THR B 108 -0.29 -29.34 -7.69
C THR B 108 -0.88 -28.86 -9.02
N LEU B 109 -1.55 -27.71 -9.02
CA LEU B 109 -2.13 -27.15 -10.23
C LEU B 109 -1.07 -26.77 -11.24
N SER B 110 0.04 -26.21 -10.76
CA SER B 110 1.15 -25.80 -11.61
C SER B 110 1.88 -26.99 -12.23
N GLU B 111 1.85 -28.14 -11.57
CA GLU B 111 2.55 -29.31 -12.07
C GLU B 111 1.87 -29.87 -13.31
N ILE B 112 0.55 -29.69 -13.40
CA ILE B 112 -0.25 -30.24 -14.50
C ILE B 112 -0.24 -29.31 -15.69
N THR B 113 -0.41 -28.00 -15.45
CA THR B 113 -0.41 -26.95 -16.46
C THR B 113 0.98 -26.65 -16.98
N ASN B 114 2.02 -26.93 -16.19
CA ASN B 114 3.36 -26.48 -16.50
C ASN B 114 3.39 -24.97 -16.76
N MET B 115 2.54 -24.24 -16.02
CA MET B 115 2.46 -22.78 -16.04
C MET B 115 2.54 -22.23 -14.61
N VAL B 116 2.69 -20.92 -14.48
CA VAL B 116 2.66 -20.26 -13.17
C VAL B 116 1.34 -20.53 -12.47
N PRO B 117 1.28 -20.51 -11.10
CA PRO B 117 0.02 -20.69 -10.36
C PRO B 117 -0.73 -19.38 -10.14
N ARG B 118 -0.90 -18.62 -11.22
CA ARG B 118 -1.63 -17.37 -11.21
C ARG B 118 -2.20 -17.18 -12.61
N GLU B 119 -3.34 -16.51 -12.70
CA GLU B 119 -3.93 -16.25 -14.00
C GLU B 119 -3.12 -15.20 -14.76
N THR B 120 -3.22 -15.23 -16.09
CA THR B 120 -2.56 -14.26 -16.95
C THR B 120 -3.59 -13.75 -17.95
N SER B 121 -3.18 -12.92 -18.90
CA SER B 121 -4.11 -12.44 -19.90
C SER B 121 -4.70 -13.57 -20.75
N TYR B 122 -4.02 -14.73 -20.83
CA TYR B 122 -4.59 -15.87 -21.54
C TYR B 122 -5.87 -16.37 -20.86
N HIS B 123 -5.85 -16.48 -19.52
CA HIS B 123 -7.03 -16.96 -18.81
C HIS B 123 -8.13 -15.90 -18.77
N TYR B 124 -7.74 -14.63 -18.75
CA TYR B 124 -8.64 -13.50 -18.64
C TYR B 124 -9.34 -13.17 -19.95
N GLY B 125 -8.73 -13.54 -21.08
CA GLY B 125 -9.25 -13.18 -22.37
C GLY B 125 -9.68 -14.37 -23.17
N PRO B 126 -8.75 -14.96 -23.91
CA PRO B 126 -9.09 -16.13 -24.76
C PRO B 126 -9.64 -17.32 -23.98
N TRP B 127 -9.15 -17.61 -22.77
CA TRP B 127 -9.70 -18.75 -22.04
C TRP B 127 -10.91 -18.38 -21.21
N ASN B 128 -11.30 -17.11 -21.24
CA ASN B 128 -12.42 -16.58 -20.49
C ASN B 128 -13.65 -16.65 -21.38
N PRO B 129 -14.72 -17.36 -20.97
CA PRO B 129 -15.88 -17.51 -21.87
C PRO B 129 -16.61 -16.21 -22.13
N ILE B 130 -17.27 -16.15 -23.28
CA ILE B 130 -18.12 -15.03 -23.63
C ILE B 130 -19.51 -15.26 -23.05
N GLY B 131 -20.19 -14.16 -22.73
CA GLY B 131 -21.59 -14.20 -22.32
C GLY B 131 -21.84 -14.26 -20.83
N GLU B 132 -22.96 -14.89 -20.45
CA GLU B 132 -23.37 -14.92 -19.05
C GLU B 132 -22.25 -15.42 -18.15
N ARG B 133 -21.47 -16.39 -18.64
CA ARG B 133 -20.45 -17.05 -17.84
C ARG B 133 -19.18 -16.22 -17.67
N GLU B 134 -19.00 -15.15 -18.44
CA GLU B 134 -17.75 -14.39 -18.45
C GLU B 134 -17.31 -13.98 -17.05
N ARG B 135 -16.04 -14.25 -16.72
CA ARG B 135 -15.49 -13.94 -15.41
C ARG B 135 -14.95 -12.51 -15.39
N ARG B 136 -15.50 -11.68 -14.49
CA ARG B 136 -15.16 -10.28 -14.38
C ARG B 136 -15.01 -9.92 -12.91
N PHE B 137 -14.06 -9.03 -12.64
CA PHE B 137 -13.82 -8.54 -11.29
C PHE B 137 -14.89 -7.56 -10.82
N THR B 138 -15.43 -6.74 -11.72
CA THR B 138 -16.28 -5.62 -11.35
C THR B 138 -17.54 -5.61 -12.20
N HIS B 139 -18.45 -4.71 -11.85
CA HIS B 139 -19.62 -4.39 -12.64
C HIS B 139 -19.35 -3.33 -13.70
N PHE B 140 -18.18 -2.68 -13.66
CA PHE B 140 -17.89 -1.56 -14.57
C PHE B 140 -17.78 -2.04 -16.01
N PRO B 141 -18.48 -1.40 -16.95
CA PRO B 141 -18.33 -1.79 -18.37
C PRO B 141 -16.93 -1.55 -18.90
N ASP B 142 -16.17 -0.67 -18.23
CA ASP B 142 -14.79 -0.41 -18.60
C ASP B 142 -13.94 -1.69 -18.55
N GLU B 143 -14.30 -2.64 -17.69
CA GLU B 143 -13.50 -3.86 -17.59
C GLU B 143 -13.55 -4.66 -18.87
N ARG B 144 -14.66 -4.58 -19.61
CA ARG B 144 -14.75 -5.27 -20.88
C ARG B 144 -13.71 -4.78 -21.88
N GLY B 145 -13.20 -3.55 -21.72
CA GLY B 145 -12.20 -3.06 -22.65
C GLY B 145 -10.87 -3.76 -22.56
N LEU B 146 -10.53 -4.31 -21.39
CA LEU B 146 -9.31 -5.09 -21.24
C LEU B 146 -9.52 -6.52 -21.73
N ILE B 147 -10.63 -7.13 -21.31
CA ILE B 147 -10.91 -8.52 -21.67
C ILE B 147 -11.09 -8.66 -23.17
N GLU B 148 -11.83 -7.74 -23.79
CA GLU B 148 -11.96 -7.78 -25.24
C GLU B 148 -10.61 -7.55 -25.90
N GLY B 149 -9.83 -6.63 -25.37
CA GLY B 149 -8.51 -6.36 -25.90
C GLY B 149 -7.67 -7.61 -26.07
N VAL B 150 -7.44 -8.35 -24.98
CA VAL B 150 -6.55 -9.51 -25.06
C VAL B 150 -7.24 -10.68 -25.77
N ARG B 151 -8.55 -10.83 -25.63
CA ARG B 151 -9.24 -11.91 -26.30
C ARG B 151 -9.15 -11.78 -27.81
N ILE B 152 -9.20 -10.55 -28.33
CA ILE B 152 -9.03 -10.34 -29.76
C ILE B 152 -7.55 -10.43 -30.15
N ALA B 153 -6.66 -9.88 -29.33
CA ALA B 153 -5.27 -9.75 -29.75
C ALA B 153 -4.57 -11.10 -29.78
N ILE B 154 -4.84 -11.97 -28.81
CA ILE B 154 -3.95 -13.09 -28.56
C ILE B 154 -4.02 -14.10 -29.72
N PRO B 155 -5.21 -14.54 -30.16
CA PRO B 155 -5.25 -15.37 -31.39
C PRO B 155 -4.47 -14.82 -32.57
N GLY B 156 -4.68 -13.56 -32.95
CA GLY B 156 -4.00 -13.02 -34.11
C GLY B 156 -2.49 -13.07 -33.98
N ILE B 157 -1.96 -12.58 -32.84
CA ILE B 157 -0.52 -12.57 -32.62
C ILE B 157 0.06 -13.98 -32.75
N GLU B 158 -0.73 -14.98 -32.38
CA GLU B 158 -0.24 -16.34 -32.32
C GLU B 158 -0.07 -16.92 -33.73
N LEU B 159 -1.09 -16.77 -34.57
CA LEU B 159 -0.95 -17.13 -35.98
C LEU B 159 0.19 -16.36 -36.61
N ALA B 160 0.36 -15.09 -36.23
CA ALA B 160 1.44 -14.30 -36.80
C ALA B 160 2.79 -14.87 -36.41
N ILE B 161 2.90 -15.41 -35.19
CA ILE B 161 4.17 -15.96 -34.73
C ILE B 161 4.57 -17.15 -35.59
N ARG B 162 3.61 -18.04 -35.89
CA ARG B 162 3.88 -19.20 -36.73
C ARG B 162 4.25 -18.78 -38.16
N GLU B 163 3.68 -17.69 -38.67
CA GLU B 163 3.98 -17.24 -40.01
C GLU B 163 5.35 -16.56 -40.10
N ILE B 164 5.66 -15.67 -39.14
CA ILE B 164 6.98 -15.05 -39.11
C ILE B 164 8.06 -16.10 -38.94
N ASN B 165 7.75 -17.16 -38.21
CA ASN B 165 8.73 -18.23 -37.99
C ASN B 165 9.18 -18.86 -39.30
N GLN B 166 8.26 -19.04 -40.25
CA GLN B 166 8.55 -19.63 -41.55
C GLN B 166 9.40 -18.72 -42.43
N LEU B 167 9.56 -17.45 -42.05
CA LEU B 167 10.27 -16.50 -42.91
C LEU B 167 11.76 -16.75 -42.92
N SER B 168 12.30 -17.34 -41.85
CA SER B 168 13.73 -17.62 -41.79
C SER B 168 14.17 -18.49 -42.97
N ASN B 169 13.33 -19.42 -43.38
CA ASN B 169 13.69 -20.45 -44.35
C ASN B 169 13.09 -20.19 -45.73
N LEU B 170 12.85 -18.92 -46.07
CA LEU B 170 12.40 -18.49 -47.39
C LEU B 170 13.28 -17.34 -47.85
N SER B 171 13.37 -17.17 -49.16
CA SER B 171 14.16 -16.09 -49.75
C SER B 171 13.27 -14.90 -50.11
N LEU B 172 13.88 -13.72 -50.09
CA LEU B 172 13.15 -12.51 -50.47
C LEU B 172 12.66 -12.57 -51.91
N ASN B 173 13.23 -13.46 -52.73
CA ASN B 173 12.78 -13.64 -54.09
C ASN B 173 11.63 -14.64 -54.19
N ASP B 174 11.51 -15.55 -53.24
CA ASP B 174 10.39 -16.48 -53.22
C ASP B 174 9.10 -15.70 -52.93
N PRO B 175 8.11 -15.77 -53.81
CA PRO B 175 6.83 -15.10 -53.52
C PRO B 175 6.15 -15.60 -52.26
N ALA B 176 6.48 -16.81 -51.79
CA ALA B 176 5.83 -17.31 -50.59
C ALA B 176 6.24 -16.51 -49.36
N PHE B 177 7.44 -15.92 -49.39
CA PHE B 177 7.87 -15.00 -48.34
C PHE B 177 6.93 -13.79 -48.24
N GLU B 178 6.80 -13.04 -49.34
CA GLU B 178 5.91 -11.88 -49.33
C GLU B 178 4.52 -12.24 -48.86
N SER B 179 3.99 -13.37 -49.36
CA SER B 179 2.65 -13.78 -48.96
C SER B 179 2.56 -13.94 -47.46
N LEU B 180 3.56 -14.60 -46.87
CA LEU B 180 3.52 -14.99 -45.46
C LEU B 180 3.64 -13.76 -44.56
N ALA B 181 4.55 -12.86 -44.91
CA ALA B 181 4.71 -11.62 -44.19
C ALA B 181 3.45 -10.75 -44.28
N LYS B 182 2.68 -10.91 -45.36
CA LYS B 182 1.42 -10.17 -45.50
C LYS B 182 0.32 -10.79 -44.67
N SER B 183 0.25 -12.11 -44.65
CA SER B 183 -0.65 -12.80 -43.74
C SER B 183 -0.32 -12.47 -42.29
N ALA B 184 0.97 -12.37 -41.96
CA ALA B 184 1.34 -12.06 -40.59
C ALA B 184 0.93 -10.65 -40.23
N ALA B 185 1.29 -9.68 -41.08
CA ALA B 185 0.85 -8.30 -40.87
C ALA B 185 -0.66 -8.23 -40.70
N LEU B 186 -1.40 -9.02 -41.46
CA LEU B 186 -2.85 -9.05 -41.29
C LEU B 186 -3.23 -9.58 -39.92
N HIS B 187 -2.53 -10.62 -39.47
CA HIS B 187 -2.87 -11.22 -38.18
C HIS B 187 -2.48 -10.31 -37.01
N VAL B 188 -1.36 -9.59 -37.14
CA VAL B 188 -0.99 -8.60 -36.15
C VAL B 188 -2.05 -7.51 -36.06
N TYR B 189 -2.79 -7.27 -37.14
CA TYR B 189 -3.81 -6.24 -37.08
C TYR B 189 -4.86 -6.56 -36.03
N GLN B 190 -5.04 -7.84 -35.73
CA GLN B 190 -5.92 -8.26 -34.64
C GLN B 190 -5.60 -7.53 -33.33
N ALA B 191 -4.31 -7.32 -33.05
CA ALA B 191 -3.94 -6.59 -31.85
C ALA B 191 -4.36 -5.12 -31.93
N VAL B 192 -4.19 -4.51 -33.11
CA VAL B 192 -4.63 -3.14 -33.32
C VAL B 192 -6.13 -3.03 -33.03
N ASP B 193 -6.93 -3.95 -33.57
CA ASP B 193 -8.35 -3.92 -33.26
C ASP B 193 -8.59 -4.11 -31.78
N GLY B 194 -7.80 -4.97 -31.14
CA GLY B 194 -7.96 -5.19 -29.71
C GLY B 194 -7.72 -3.94 -28.88
N ILE B 195 -6.59 -3.27 -29.09
CA ILE B 195 -6.32 -2.05 -28.33
C ILE B 195 -7.32 -0.98 -28.72
N GLY B 196 -7.83 -1.01 -29.96
CA GLY B 196 -8.89 -0.11 -30.33
C GLY B 196 -10.14 -0.29 -29.48
N GLU B 197 -10.56 -1.54 -29.26
CA GLU B 197 -11.71 -1.79 -28.38
C GLU B 197 -11.44 -1.28 -26.96
N THR B 198 -10.19 -1.29 -26.51
CA THR B 198 -9.88 -0.80 -25.17
C THR B 198 -10.00 0.72 -25.11
N ILE B 199 -9.48 1.41 -26.13
CA ILE B 199 -9.57 2.86 -26.22
C ILE B 199 -11.02 3.30 -26.29
N LYS B 200 -11.86 2.49 -26.91
CA LYS B 200 -13.29 2.79 -26.97
C LYS B 200 -13.95 2.60 -25.61
N LYS B 201 -13.66 1.49 -24.93
CA LYS B 201 -14.50 1.08 -23.81
C LYS B 201 -13.94 1.39 -22.43
N THR B 202 -12.64 1.62 -22.29
CA THR B 202 -12.05 1.75 -20.97
C THR B 202 -11.64 3.19 -20.71
N ASP B 203 -12.29 3.80 -19.72
CA ASP B 203 -11.94 5.15 -19.31
C ASP B 203 -10.70 5.12 -18.43
N PRO B 204 -9.66 5.90 -18.77
CA PRO B 204 -8.41 5.85 -17.99
C PRO B 204 -8.59 5.97 -16.48
N TYR B 205 -9.35 6.95 -16.01
CA TYR B 205 -9.53 7.16 -14.58
C TYR B 205 -10.25 5.98 -13.94
N VAL B 206 -11.31 5.46 -14.57
CA VAL B 206 -11.97 4.26 -14.05
C VAL B 206 -10.96 3.12 -13.93
N PHE B 207 -10.11 2.94 -14.95
CA PHE B 207 -9.13 1.86 -14.90
C PHE B 207 -8.24 1.98 -13.67
N SER B 208 -7.65 3.16 -13.45
CA SER B 208 -6.72 3.33 -12.35
C SER B 208 -7.42 3.12 -11.02
N HIS B 209 -8.65 3.58 -10.91
CA HIS B 209 -9.30 3.58 -9.62
C HIS B 209 -10.02 2.26 -9.35
N GLU B 210 -10.62 1.66 -10.37
CA GLU B 210 -11.47 0.49 -10.17
C GLU B 210 -10.87 -0.81 -10.66
N LEU B 211 -9.95 -0.78 -11.62
CA LEU B 211 -9.49 -1.98 -12.30
C LEU B 211 -8.07 -2.37 -11.92
N ARG B 212 -7.09 -1.49 -12.14
CA ARG B 212 -5.68 -1.72 -11.82
C ARG B 212 -5.43 -2.38 -10.45
N PRO B 213 -6.19 -2.08 -9.38
CA PRO B 213 -5.90 -2.76 -8.10
C PRO B 213 -6.11 -4.27 -8.13
N PHE B 214 -6.72 -4.82 -9.17
CA PHE B 214 -6.97 -6.25 -9.24
C PHE B 214 -5.85 -7.02 -9.90
N PHE B 215 -4.77 -6.37 -10.28
CA PHE B 215 -3.68 -6.97 -11.03
C PHE B 215 -2.35 -6.81 -10.31
N ASP B 216 -2.36 -6.99 -8.98
CA ASP B 216 -1.21 -6.79 -8.10
C ASP B 216 -0.52 -8.12 -7.81
N PRO B 217 0.77 -8.07 -7.42
CA PRO B 217 1.54 -9.32 -7.25
C PRO B 217 1.02 -10.18 -6.11
N ILE B 218 1.23 -11.49 -6.24
CA ILE B 218 0.78 -12.46 -5.25
C ILE B 218 1.95 -13.39 -4.89
N ARG B 219 2.19 -13.53 -3.57
CA ARG B 219 3.27 -14.37 -3.07
C ARG B 219 2.81 -15.82 -2.96
N ILE B 220 3.46 -16.71 -3.72
CA ILE B 220 3.15 -18.13 -3.77
C ILE B 220 4.46 -18.89 -3.68
N GLY B 221 4.56 -19.80 -2.71
CA GLY B 221 5.77 -20.56 -2.50
C GLY B 221 7.07 -19.77 -2.54
N GLY B 222 7.12 -18.64 -1.85
CA GLY B 222 8.36 -17.90 -1.75
C GLY B 222 8.78 -17.11 -2.97
N LYS B 223 7.95 -17.09 -4.02
CA LYS B 223 8.19 -16.24 -5.16
C LYS B 223 6.97 -15.34 -5.34
N SER B 224 7.18 -14.20 -5.98
CA SER B 224 6.12 -13.25 -6.23
C SER B 224 5.73 -13.30 -7.71
N TYR B 225 4.44 -13.42 -7.99
CA TYR B 225 3.93 -13.50 -9.35
C TYR B 225 3.12 -12.27 -9.69
N ILE B 226 3.57 -11.51 -10.70
CA ILE B 226 2.80 -10.37 -11.15
C ILE B 226 1.39 -10.80 -11.59
N GLY B 227 0.46 -9.84 -11.53
CA GLY B 227 -0.88 -10.06 -12.05
C GLY B 227 -0.94 -9.97 -13.56
N ALA B 228 -2.12 -10.31 -14.10
CA ALA B 228 -2.34 -10.27 -15.54
C ALA B 228 -2.08 -8.85 -16.09
N GLY B 229 -1.62 -8.81 -17.33
CA GLY B 229 -1.25 -7.54 -17.95
C GLY B 229 -1.37 -7.65 -19.45
N GLY B 230 -1.52 -6.47 -20.08
CA GLY B 230 -1.51 -6.42 -21.54
C GLY B 230 -0.23 -6.99 -22.12
N GLY B 231 0.92 -6.64 -21.52
CA GLY B 231 2.22 -7.14 -21.94
C GLY B 231 2.36 -8.66 -21.95
N GLN B 232 1.38 -9.39 -21.43
CA GLN B 232 1.41 -10.85 -21.50
C GLN B 232 0.87 -11.40 -22.82
N ILE B 233 0.22 -10.60 -23.65
CA ILE B 233 0.00 -11.09 -25.01
C ILE B 233 1.35 -11.31 -25.66
N PRO B 234 1.52 -12.36 -26.48
CA PRO B 234 2.87 -12.76 -26.91
C PRO B 234 3.43 -11.89 -28.02
N LEU B 235 3.11 -10.60 -27.98
CA LEU B 235 3.63 -9.67 -28.96
C LEU B 235 5.15 -9.62 -28.90
N PHE B 236 5.71 -9.60 -27.70
CA PHE B 236 7.16 -9.57 -27.57
C PHE B 236 7.80 -10.79 -28.25
N VAL B 237 7.08 -11.91 -28.35
CA VAL B 237 7.59 -13.04 -29.11
C VAL B 237 7.68 -12.69 -30.59
N VAL B 238 6.66 -12.02 -31.15
CA VAL B 238 6.81 -11.44 -32.49
C VAL B 238 8.05 -10.56 -32.57
N ASP B 239 8.33 -9.76 -31.53
CA ASP B 239 9.45 -8.82 -31.59
C ASP B 239 10.77 -9.54 -31.71
N VAL B 240 11.03 -10.47 -30.80
CA VAL B 240 12.34 -11.10 -30.74
C VAL B 240 12.65 -11.84 -32.04
N LYS B 241 11.67 -12.59 -32.57
CA LYS B 241 11.86 -13.24 -33.86
C LYS B 241 12.09 -12.23 -34.98
N LEU B 242 11.27 -11.17 -35.04
CA LEU B 242 11.24 -10.29 -36.21
C LEU B 242 12.39 -9.27 -36.20
N TRP B 243 12.64 -8.59 -35.08
CA TRP B 243 13.65 -7.54 -35.12
C TRP B 243 14.61 -7.51 -33.94
N LEU B 244 14.22 -7.97 -32.76
CA LEU B 244 15.12 -7.82 -31.62
C LEU B 244 16.21 -8.87 -31.63
N GLY B 245 15.84 -10.14 -31.81
CA GLY B 245 16.81 -11.23 -31.90
C GLY B 245 17.74 -11.25 -30.70
N ASN B 246 19.04 -11.38 -30.98
CA ASN B 246 20.07 -11.40 -29.96
C ASN B 246 21.02 -10.22 -30.11
N HIS B 247 20.47 -9.04 -30.40
CA HIS B 247 21.30 -7.88 -30.70
C HIS B 247 21.40 -6.86 -29.58
N SER B 248 20.51 -6.88 -28.58
CA SER B 248 20.53 -5.92 -27.48
C SER B 248 20.66 -6.64 -26.13
N PRO B 249 21.80 -7.32 -25.91
CA PRO B 249 21.88 -8.28 -24.79
C PRO B 249 21.57 -7.70 -23.41
N ASN B 250 21.79 -6.41 -23.17
CA ASN B 250 21.61 -5.89 -21.83
C ASN B 250 20.53 -4.80 -21.74
N SER B 251 19.68 -4.66 -22.76
CA SER B 251 18.60 -3.68 -22.73
C SER B 251 17.55 -4.08 -21.70
N GLU B 252 16.70 -3.11 -21.36
CA GLU B 252 15.64 -3.38 -20.39
C GLU B 252 14.54 -4.23 -21.00
N TYR B 253 14.37 -4.16 -22.33
CA TYR B 253 13.36 -4.98 -22.99
C TYR B 253 13.70 -6.47 -22.92
N VAL B 254 14.98 -6.83 -23.14
CA VAL B 254 15.37 -8.24 -23.00
C VAL B 254 15.15 -8.72 -21.57
N SER B 255 15.31 -7.82 -20.59
CA SER B 255 15.06 -8.20 -19.22
C SER B 255 13.58 -8.51 -18.99
N PHE B 256 12.70 -7.65 -19.51
CA PHE B 256 11.27 -7.91 -19.45
C PHE B 256 10.92 -9.22 -20.13
N ILE B 257 11.44 -9.44 -21.34
CA ILE B 257 11.18 -10.70 -22.04
C ILE B 257 11.69 -11.87 -21.21
N LYS B 258 12.89 -11.73 -20.65
CA LYS B 258 13.45 -12.78 -19.81
C LYS B 258 12.50 -13.16 -18.68
N ASP B 259 11.84 -12.17 -18.06
CA ASP B 259 10.92 -12.45 -16.98
C ASP B 259 9.60 -13.02 -17.47
N SER B 260 9.25 -12.80 -18.74
CA SER B 260 7.97 -13.26 -19.28
C SER B 260 8.00 -14.69 -19.82
N VAL B 261 9.19 -15.22 -20.15
CA VAL B 261 9.30 -16.48 -20.89
C VAL B 261 8.45 -17.57 -20.23
N PHE B 262 8.55 -17.69 -18.90
CA PHE B 262 7.91 -18.83 -18.26
C PHE B 262 6.50 -18.52 -17.79
N TYR B 263 6.01 -17.30 -18.07
CA TYR B 263 4.58 -17.01 -17.94
C TYR B 263 3.81 -17.48 -19.16
N LEU B 264 4.43 -17.40 -20.35
CA LEU B 264 3.86 -17.90 -21.60
C LEU B 264 3.39 -19.33 -21.46
N PRO B 265 2.36 -19.73 -22.22
CA PRO B 265 2.04 -21.17 -22.36
C PRO B 265 3.26 -21.96 -22.81
N PRO B 266 3.42 -23.20 -22.32
CA PRO B 266 4.61 -23.99 -22.68
C PRO B 266 4.86 -24.04 -24.18
N GLU B 267 3.80 -24.09 -24.98
CA GLU B 267 3.91 -24.26 -26.42
C GLU B 267 4.77 -23.16 -27.08
N LEU B 268 4.94 -21.99 -26.45
CA LEU B 268 5.62 -20.83 -27.04
C LEU B 268 7.03 -20.57 -26.52
N ARG B 269 7.48 -21.27 -25.48
CA ARG B 269 8.76 -20.95 -24.85
C ARG B 269 9.97 -21.29 -25.72
N PRO B 270 9.99 -22.43 -26.44
CA PRO B 270 11.16 -22.70 -27.28
C PRO B 270 11.37 -21.66 -28.38
N ILE B 271 10.31 -21.26 -29.09
CA ILE B 271 10.52 -20.29 -30.16
C ILE B 271 11.01 -18.98 -29.58
N CYS B 272 10.49 -18.61 -28.41
CA CYS B 272 10.95 -17.39 -27.76
C CYS B 272 12.40 -17.51 -27.30
N VAL B 273 12.74 -18.62 -26.66
CA VAL B 273 14.13 -18.86 -26.24
C VAL B 273 15.06 -18.85 -27.46
N ASP B 274 14.72 -19.66 -28.48
CA ASP B 274 15.51 -19.72 -29.71
C ASP B 274 15.73 -18.35 -30.33
N SER B 275 14.65 -17.57 -30.48
CA SER B 275 14.77 -16.25 -31.09
C SER B 275 15.70 -15.37 -30.31
N LEU B 276 15.67 -15.47 -28.97
CA LEU B 276 16.54 -14.71 -28.11
C LEU B 276 18.02 -15.01 -28.35
N LEU B 277 18.33 -16.19 -28.88
CA LEU B 277 19.71 -16.65 -28.99
C LEU B 277 20.20 -16.69 -30.42
N GLU B 278 19.44 -16.13 -31.35
CA GLU B 278 19.69 -16.17 -32.78
C GLU B 278 19.49 -14.76 -33.35
N PRO B 279 20.11 -14.46 -34.49
CA PRO B 279 19.83 -13.16 -35.13
C PRO B 279 18.39 -13.10 -35.60
N SER B 280 17.85 -11.89 -35.63
CA SER B 280 16.45 -11.68 -36.04
C SER B 280 16.24 -11.89 -37.54
N VAL B 281 14.98 -12.14 -37.89
CA VAL B 281 14.60 -12.35 -39.29
C VAL B 281 14.98 -11.14 -40.14
N ILE B 282 14.74 -9.92 -39.64
CA ILE B 282 15.09 -8.74 -40.43
C ILE B 282 16.60 -8.59 -40.53
N ASN B 283 17.32 -8.90 -39.46
CA ASN B 283 18.78 -8.90 -39.51
C ASN B 283 19.29 -9.83 -40.61
N GLN B 284 18.74 -11.04 -40.71
CA GLN B 284 19.13 -11.97 -41.76
C GLN B 284 18.78 -11.44 -43.14
N LYS B 285 17.61 -10.81 -43.26
CA LYS B 285 17.14 -10.36 -44.57
C LYS B 285 17.81 -9.07 -44.99
N PHE B 286 18.21 -8.23 -44.04
CA PHE B 286 19.09 -7.12 -44.39
C PHE B 286 20.36 -7.63 -45.05
N ALA B 287 20.92 -8.72 -44.52
CA ALA B 287 22.14 -9.30 -45.08
C ALA B 287 21.92 -9.77 -46.51
N GLU B 288 20.95 -10.68 -46.69
CA GLU B 288 20.70 -11.25 -48.00
C GLU B 288 20.22 -10.21 -49.01
N PHE B 289 19.63 -9.10 -48.55
CA PHE B 289 19.23 -8.04 -49.47
C PHE B 289 20.44 -7.29 -50.02
N GLY B 290 21.53 -7.22 -49.26
CA GLY B 290 22.74 -6.55 -49.73
C GLY B 290 23.72 -7.45 -50.45
N SER B 291 23.28 -8.65 -50.85
CA SER B 291 24.17 -9.61 -51.49
C SER B 291 23.55 -10.42 -52.62
N VAL B 292 22.25 -10.35 -52.85
CA VAL B 292 21.60 -11.11 -53.91
C VAL B 292 21.16 -10.16 -55.02
N GLU B 293 20.68 -10.75 -56.11
CA GLU B 293 20.18 -9.97 -57.24
C GLU B 293 18.83 -9.36 -56.87
N ILE B 294 18.81 -8.05 -56.67
CA ILE B 294 17.64 -7.34 -56.19
C ILE B 294 16.55 -7.28 -57.26
N THR B 295 15.73 -8.33 -57.36
CA THR B 295 14.67 -8.35 -58.34
C THR B 295 13.47 -7.55 -57.83
N ASP B 296 12.39 -7.57 -58.62
CA ASP B 296 11.15 -6.93 -58.19
C ASP B 296 10.57 -7.61 -56.97
N GLN B 297 10.56 -8.95 -56.97
CA GLN B 297 10.01 -9.71 -55.86
C GLN B 297 10.86 -9.54 -54.60
N VAL B 298 12.15 -9.29 -54.74
CA VAL B 298 13.00 -9.07 -53.59
C VAL B 298 12.61 -7.78 -52.87
N ILE B 299 12.33 -6.72 -53.63
CA ILE B 299 11.84 -5.49 -53.03
C ILE B 299 10.48 -5.71 -52.39
N LYS B 300 9.58 -6.39 -53.11
CA LYS B 300 8.27 -6.71 -52.53
C LYS B 300 8.44 -7.50 -51.23
N GLY B 301 9.40 -8.43 -51.19
CA GLY B 301 9.64 -9.18 -49.97
C GLY B 301 10.12 -8.30 -48.83
N MET B 302 11.12 -7.46 -49.10
CA MET B 302 11.56 -6.53 -48.07
C MET B 302 10.48 -5.52 -47.72
N GLU B 303 9.56 -5.24 -48.64
CA GLU B 303 8.50 -4.31 -48.32
C GLU B 303 7.43 -4.94 -47.44
N SER B 304 7.31 -6.27 -47.44
CA SER B 304 6.33 -6.90 -46.57
C SER B 304 6.83 -7.00 -45.13
N LEU B 305 8.14 -7.02 -44.92
CA LEU B 305 8.66 -6.90 -43.56
C LEU B 305 8.36 -5.53 -42.98
N LEU B 306 8.46 -4.49 -43.82
CA LEU B 306 8.09 -3.14 -43.38
C LEU B 306 6.60 -3.01 -43.09
N SER B 307 5.75 -3.82 -43.73
CA SER B 307 4.33 -3.79 -43.44
C SER B 307 4.00 -4.44 -42.11
N VAL B 308 4.77 -5.46 -41.70
CA VAL B 308 4.57 -6.03 -40.37
C VAL B 308 4.99 -5.02 -39.30
N ILE B 309 6.19 -4.47 -39.46
CA ILE B 309 6.68 -3.49 -38.51
C ILE B 309 5.71 -2.33 -38.37
N GLN B 310 5.10 -1.92 -39.49
CA GLN B 310 4.22 -0.76 -39.44
C GLN B 310 2.86 -1.09 -38.86
N VAL B 311 2.41 -2.35 -38.87
CA VAL B 311 1.23 -2.70 -38.09
C VAL B 311 1.55 -2.66 -36.60
N LEU B 312 2.78 -3.00 -36.21
CA LEU B 312 3.17 -2.89 -34.81
C LEU B 312 3.05 -1.44 -34.32
N LEU B 313 3.36 -0.48 -35.19
CA LEU B 313 3.30 0.92 -34.79
C LEU B 313 1.86 1.39 -34.63
N LYS B 314 0.98 0.99 -35.54
CA LYS B 314 -0.46 1.21 -35.38
C LYS B 314 -0.97 0.70 -34.03
N PHE B 315 -0.23 -0.20 -33.40
CA PHE B 315 -0.62 -0.66 -32.07
C PHE B 315 0.09 0.16 -31.00
N ARG B 316 1.40 0.38 -31.15
CA ARG B 316 2.16 0.92 -30.04
C ARG B 316 1.89 2.43 -29.86
N LYS B 317 1.68 3.17 -30.96
CA LYS B 317 1.42 4.61 -30.84
C LYS B 317 0.15 4.90 -30.04
N PRO B 318 -1.02 4.39 -30.41
CA PRO B 318 -2.20 4.69 -29.57
C PRO B 318 -2.09 4.07 -28.20
N HIS B 319 -1.44 2.90 -28.07
CA HIS B 319 -1.21 2.30 -26.77
C HIS B 319 -0.41 3.24 -25.87
N PHE B 320 0.58 3.91 -26.43
CA PHE B 320 1.35 4.89 -25.66
C PHE B 320 0.45 6.02 -25.16
N GLN B 321 -0.39 6.57 -26.03
CA GLN B 321 -1.28 7.65 -25.61
C GLN B 321 -2.23 7.19 -24.53
N LEU B 322 -2.78 5.97 -24.66
CA LEU B 322 -3.69 5.46 -23.65
C LEU B 322 -3.00 5.25 -22.30
N ALA B 323 -1.82 4.64 -22.29
CA ALA B 323 -1.10 4.53 -21.03
C ALA B 323 -0.70 5.90 -20.49
N GLN B 324 -0.46 6.86 -21.38
CA GLN B 324 -0.10 8.19 -20.89
C GLN B 324 -1.29 8.87 -20.23
N ARG B 325 -2.48 8.78 -20.84
CA ARG B 325 -3.67 9.38 -20.26
C ARG B 325 -4.05 8.74 -18.93
N THR B 326 -3.71 7.47 -18.74
CA THR B 326 -4.06 6.74 -17.54
C THR B 326 -3.14 7.08 -16.36
N LEU B 327 -1.87 7.31 -16.65
CA LEU B 327 -0.83 7.52 -15.65
C LEU B 327 -0.55 8.99 -15.39
N SER B 328 -1.35 9.89 -15.95
CA SER B 328 -1.23 11.31 -15.65
C SER B 328 -1.59 11.55 -14.19
N LYS B 329 -1.06 12.64 -13.61
CA LYS B 329 -1.38 12.92 -12.21
C LYS B 329 -2.88 13.01 -11.99
N GLU B 330 -3.63 13.49 -12.97
CA GLU B 330 -5.08 13.54 -12.86
C GLU B 330 -5.72 12.16 -12.81
N ASN B 331 -5.15 11.16 -13.49
CA ASN B 331 -5.86 9.92 -13.65
C ASN B 331 -5.25 8.73 -12.93
N ARG B 332 -4.00 8.83 -12.45
CA ARG B 332 -3.18 7.67 -12.12
C ARG B 332 -3.59 6.95 -10.85
N GLY B 333 -4.41 7.58 -10.00
CA GLY B 333 -4.86 6.95 -8.76
C GLY B 333 -3.69 6.61 -7.87
N ASN B 334 -3.71 5.40 -7.31
CA ASN B 334 -2.72 5.00 -6.34
C ASN B 334 -1.54 4.30 -6.96
N TYR B 335 -1.37 4.38 -8.27
CA TYR B 335 -0.34 3.63 -8.96
C TYR B 335 0.47 4.54 -9.87
N THR B 336 1.75 4.19 -10.03
CA THR B 336 2.62 4.82 -11.02
C THR B 336 3.08 3.84 -12.09
N THR B 337 2.61 2.59 -12.08
CA THR B 337 3.15 1.52 -12.90
C THR B 337 2.04 0.61 -13.40
N GLY B 338 2.35 -0.14 -14.46
CA GLY B 338 1.49 -1.23 -14.88
C GLY B 338 1.66 -2.45 -13.98
N SER B 339 0.84 -3.46 -14.24
CA SER B 339 0.88 -4.66 -13.41
C SER B 339 2.24 -5.37 -13.46
N ALA B 340 3.07 -5.09 -14.45
CA ALA B 340 4.38 -5.72 -14.54
C ALA B 340 5.48 -4.82 -13.94
N GLY B 341 5.09 -3.71 -13.32
CA GLY B 341 6.03 -2.88 -12.57
C GLY B 341 6.80 -1.84 -13.37
N TYR B 342 6.29 -1.44 -14.53
CA TYR B 342 6.95 -0.47 -15.39
C TYR B 342 6.06 0.75 -15.55
N THR B 343 6.68 1.91 -15.81
CA THR B 343 5.96 3.12 -16.16
C THR B 343 5.87 3.23 -17.69
N ASN B 344 5.36 4.37 -18.18
CA ASN B 344 5.24 4.56 -19.62
C ASN B 344 6.58 4.73 -20.32
N SER B 345 7.66 4.98 -19.58
CA SER B 345 9.00 4.99 -20.17
C SER B 345 9.32 3.65 -20.84
N PHE B 346 8.85 2.54 -20.26
CA PHE B 346 9.05 1.24 -20.89
C PHE B 346 8.37 1.20 -22.26
N ASN B 347 7.09 1.57 -22.31
CA ASN B 347 6.38 1.58 -23.59
C ASN B 347 7.06 2.52 -24.57
N HIS B 348 7.52 3.67 -24.07
CA HIS B 348 8.21 4.60 -24.94
C HIS B 348 9.45 3.96 -25.56
N MET B 349 10.15 3.12 -24.80
CA MET B 349 11.38 2.50 -25.31
C MET B 349 11.06 1.39 -26.33
N VAL B 350 10.03 0.57 -26.07
CA VAL B 350 9.64 -0.40 -27.08
C VAL B 350 9.20 0.32 -28.36
N LEU B 351 8.42 1.40 -28.22
CA LEU B 351 7.95 2.13 -29.41
C LEU B 351 9.11 2.72 -30.21
N GLU B 352 10.09 3.32 -29.52
CA GLU B 352 11.24 3.90 -30.21
C GLU B 352 12.05 2.82 -30.93
N PHE B 353 12.30 1.69 -30.26
CA PHE B 353 12.91 0.53 -30.89
C PHE B 353 12.22 0.20 -32.20
N THR B 354 10.90 0.14 -32.19
CA THR B 354 10.14 -0.27 -33.36
C THR B 354 10.15 0.80 -34.44
N ILE B 355 10.05 2.07 -34.05
CA ILE B 355 10.19 3.18 -34.98
C ILE B 355 11.54 3.12 -35.69
N GLU B 356 12.60 2.84 -34.93
CA GLU B 356 13.94 2.75 -35.52
C GLU B 356 14.08 1.57 -36.48
N VAL B 357 13.40 0.45 -36.23
CA VAL B 357 13.48 -0.64 -37.20
C VAL B 357 12.80 -0.22 -38.50
N GLU B 358 11.70 0.51 -38.41
CA GLU B 358 11.05 1.02 -39.60
C GLU B 358 11.95 2.01 -40.35
N LYS B 359 12.70 2.82 -39.60
CA LYS B 359 13.65 3.73 -40.24
C LYS B 359 14.70 2.97 -41.03
N GLN B 360 15.24 1.90 -40.45
CA GLN B 360 16.29 1.12 -41.13
C GLN B 360 15.77 0.45 -42.39
N ILE B 361 14.56 -0.11 -42.32
CA ILE B 361 13.97 -0.75 -43.49
C ILE B 361 13.81 0.25 -44.61
N ARG B 362 13.24 1.42 -44.30
CA ARG B 362 13.04 2.47 -45.29
C ARG B 362 14.37 2.93 -45.89
N ALA B 363 15.44 2.96 -45.10
CA ALA B 363 16.74 3.32 -45.65
C ALA B 363 17.21 2.28 -46.67
N VAL B 364 17.04 0.99 -46.36
CA VAL B 364 17.49 -0.06 -47.26
C VAL B 364 16.68 -0.04 -48.56
N LEU B 365 15.39 0.25 -48.47
CA LEU B 365 14.57 0.31 -49.68
C LEU B 365 14.77 1.59 -50.49
N ALA B 366 15.32 2.65 -49.87
CA ALA B 366 15.38 3.97 -50.48
C ALA B 366 15.92 3.99 -51.90
N PRO B 367 17.08 3.38 -52.23
CA PRO B 367 17.59 3.49 -53.60
C PRO B 367 16.77 2.72 -54.62
N TYR B 368 15.51 2.43 -54.30
CA TYR B 368 14.65 1.64 -55.17
C TYR B 368 13.21 2.10 -55.09
CHA HEM C . 6.73 11.98 17.50
CHB HEM C . 8.87 7.80 16.10
CHC HEM C . 8.14 5.78 20.47
CHD HEM C . 6.76 10.21 22.02
C1A HEM C . 7.26 10.97 16.71
C2A HEM C . 7.35 10.96 15.26
C3A HEM C . 7.94 9.80 14.88
C4A HEM C . 8.25 9.04 16.07
CMA HEM C . 8.26 9.32 13.45
CAA HEM C . 6.83 12.07 14.33
CBA HEM C . 5.31 12.18 14.46
CGA HEM C . 4.66 11.04 13.72
O1A HEM C . 4.77 11.00 12.47
O2A HEM C . 4.00 10.17 14.35
C1B HEM C . 8.86 6.88 17.12
C2B HEM C . 9.35 5.51 17.07
C3B HEM C . 9.16 4.94 18.29
C4B HEM C . 8.54 5.92 19.15
CMB HEM C . 9.99 4.90 15.78
CAB HEM C . 9.49 3.50 18.77
CBB HEM C . 10.03 2.54 18.02
C1C HEM C . 7.63 6.81 21.26
C2C HEM C . 7.13 6.69 22.62
C3C HEM C . 6.72 7.92 23.05
C4C HEM C . 7.01 8.86 21.99
CMC HEM C . 7.06 5.33 23.36
CAC HEM C . 6.13 8.33 24.41
CBC HEM C . 6.37 7.67 25.56
C1D HEM C . 6.68 11.08 20.95
C2D HEM C . 6.48 12.51 21.03
C3D HEM C . 6.48 13.03 19.79
C4D HEM C . 6.68 11.92 18.86
CMD HEM C . 6.30 13.31 22.34
CAD HEM C . 6.29 14.54 19.43
CBD HEM C . 7.61 15.20 19.03
CGD HEM C . 8.45 15.51 20.26
O1D HEM C . 9.69 15.31 20.23
O2D HEM C . 7.88 15.99 21.27
NA HEM C . 7.82 9.79 17.17
NB HEM C . 8.37 7.09 18.40
NC HEM C . 7.55 8.14 20.91
ND HEM C . 6.79 10.76 19.61
FE HEM C . 7.82 8.97 19.04
C1' IOP D . 4.89 7.56 16.58
O1 IOP D . 4.81 8.00 17.76
O2 IOP D . 4.33 8.17 15.63
C2' IOP D . 5.64 6.27 16.32
C3' IOP D . 5.66 5.53 17.63
N1 IOP D . 2.32 4.02 17.67
C2 IOP D . 3.37 4.49 17.00
C3 IOP D . 4.30 4.93 17.93
C3A IOP D . 3.77 4.71 19.20
C4 IOP D . 4.24 4.95 20.49
C5 IOP D . 3.45 4.59 21.57
C6 IOP D . 2.19 4.03 21.39
C7 IOP D . 1.73 3.79 20.10
C7A IOP D . 2.53 4.14 19.00
C1 GOL E . -16.05 -16.56 10.06
O1 GOL E . -14.77 -17.12 9.85
C2 GOL E . -16.91 -16.77 8.75
O2 GOL E . -16.13 -17.21 7.64
C3 GOL E . -17.60 -15.39 8.49
O3 GOL E . -17.83 -15.31 7.11
C1 GOL F . -23.07 -12.25 11.91
O1 GOL F . -23.00 -11.06 12.67
C2 GOL F . -21.61 -12.72 11.70
O2 GOL F . -20.73 -11.63 11.69
C3 GOL F . -21.31 -13.73 12.85
O3 GOL F . -21.52 -13.06 14.08
C1 GOL G . 0.83 16.46 6.26
O1 GOL G . 0.24 16.75 7.49
C2 GOL G . 2.06 15.53 6.55
O2 GOL G . 3.13 16.26 7.10
C3 GOL G . 1.51 14.48 7.54
O3 GOL G . 1.31 15.17 8.74
CHA HEM H . 2.65 -2.84 -21.47
CHB HEM H . -0.58 0.33 -19.60
CHC HEM H . -4.21 -1.87 -21.97
CHD HEM H . -0.86 -4.43 -24.41
C1A HEM H . 2.06 -1.87 -20.67
C2A HEM H . 2.70 -1.13 -19.60
C3A HEM H . 1.82 -0.26 -19.09
C4A HEM H . 0.57 -0.41 -19.82
CMA HEM H . 2.05 0.73 -17.92
CAA HEM H . 4.14 -1.36 -19.11
CBA HEM H . 4.27 -2.80 -18.58
CGA HEM H . 3.73 -2.93 -17.18
O1A HEM H . 4.32 -2.30 -16.25
O2A HEM H . 2.73 -3.65 -16.96
C1B HEM H . -1.85 0.01 -20.04
C2B HEM H . -3.09 0.61 -19.61
C3B HEM H . -4.10 0.00 -20.26
C4B HEM H . -3.53 -1.00 -21.13
CMB HEM H . -3.14 1.75 -18.57
CAB HEM H . -5.63 0.29 -20.19
CBB HEM H . -6.17 1.37 -19.59
C1C HEM H . -3.62 -2.81 -22.79
C2C HEM H . -4.30 -3.83 -23.57
C3C HEM H . -3.38 -4.55 -24.25
C4C HEM H . -2.08 -3.99 -23.92
CMC HEM H . -5.84 -3.98 -23.53
CAC HEM H . -3.54 -5.74 -25.24
CBC HEM H . -4.65 -5.98 -25.95
C1D HEM H . 0.39 -4.18 -23.88
C2D HEM H . 1.66 -4.62 -24.42
C3D HEM H . 2.64 -4.18 -23.63
C4D HEM H . 2.02 -3.45 -22.54
CMD HEM H . 1.82 -5.46 -25.69
CAD HEM H . 4.16 -4.44 -23.83
CBD HEM H . 4.88 -3.23 -24.45
CGD HEM H . 4.65 -3.20 -25.94
O1D HEM H . 4.52 -2.08 -26.51
O2D HEM H . 4.55 -4.30 -26.59
NA HEM H . 0.76 -1.39 -20.80
NB HEM H . -2.16 -0.97 -20.97
NC HEM H . -2.26 -2.93 -23.03
ND HEM H . 0.65 -3.47 -22.73
FE HEM H . -0.73 -2.04 -22.02
C1' IOP I . -0.79 -3.03 -17.93
O1 IOP I . 0.23 -2.73 -17.23
O2 IOP I . -0.71 -3.86 -18.88
C2' IOP I . -2.12 -2.39 -17.61
C3' IOP I . -3.18 -2.95 -18.54
N1 IOP I . -4.43 -5.61 -16.40
C2 IOP I . -3.77 -4.47 -16.55
C3 IOP I . -3.78 -4.15 -17.89
C3A IOP I . -4.47 -5.16 -18.55
C4 IOP I . -4.79 -5.36 -19.91
C5 IOP I . -5.51 -6.50 -20.24
C6 IOP I . -5.91 -7.42 -19.28
C7 IOP I . -5.60 -7.22 -17.94
C7A IOP I . -4.87 -6.07 -17.58
C TRS J . -23.19 -0.58 -0.98
C1 TRS J . -23.89 -1.49 -1.99
C2 TRS J . -23.11 -1.22 0.40
C3 TRS J . -23.99 0.72 -0.90
N TRS J . -21.82 -0.30 -1.47
O1 TRS J . -23.13 -1.56 -3.19
O2 TRS J . -21.85 -1.87 0.62
O3 TRS J . -23.68 1.40 0.30
#